data_1PEO
#
_entry.id   1PEO
#
_cell.length_a   98.938
_cell.length_b   98.938
_cell.length_c   289.151
_cell.angle_alpha   90.00
_cell.angle_beta   90.00
_cell.angle_gamma   90.00
#
_symmetry.space_group_name_H-M   'P 43 21 2'
#
loop_
_entity.id
_entity.type
_entity.pdbx_description
1 polymer 'Ribonucleoside-diphosphate reductase 2 alpha chain'
2 non-polymer 'MAGNESIUM ION'
3 non-polymer "2'-DEOXYCYTIDINE-5'-TRIPHOSPHATE"
#
_entity_poly.entity_id   1
_entity_poly.type   'polypeptide(L)'
_entity_poly.pdbx_seq_one_letter_code
;MATTTPERVMQETMDYHALNAMLNLYDKAGHIQFDKDQQAIDAFFATHVRPHSVTFASQHERLGTLVREGYYDDAVLARY
DRAFVLRLFEHAHASGFRFQTFLGAWKFYTSYTLKTFDGKRYLEHFEDRVTMVALTLAQGDETLATQLTDEMLSGRFQPA
TPTFLNCGKQQRGELVSCFLLRIEDNMESIGRAVNSALQLSKRGGGVAFLLSNLREAGAPIKRIENQSSGVIPVMKMLED
AFSYANQLGARQGAGAVYLHAHHPDILRFLDTKRENADEKIRIKTLSLGVVIPDITFRLAKENAQMALFSPYDIQRRYGK
PFGDIAISERYDELIADPHVRKTYINARDFFQTLAEIQFESGYPYIMFEDTVNRANPIAGRINMSNLCSEILQVNSASRY
DDNLDYTHIGHDISCNLGSLNIAHVMDSPDIGRTVETAIRGLTAVSDMSHIRSVPSIAAGNAASHAIGLGQMNLHGYLAR
EGIAYGSPEALDFTNLYFYTITWHAVHTSMRLARERGKTFAGFAQSRYASGDYFTQYLQDDWQPKTAKVRALFARSGITL
PTREMWLKLRDDVMRYGIYNQNLQAVPPTGSISYINHATSSIHPIVAKIEIRKEGKTGRVYYPAPFMTNENLDMYQDAYD
IGPEKIIDTYAEATRHVDQGLSLTLFFPDTATTRDINKAQIYAWRKGIKSLYYIRLRQLALEGTEIEGCVSCAL
;
_entity_poly.pdbx_strand_id   A
#
loop_
_chem_comp.id
_chem_comp.type
_chem_comp.name
_chem_comp.formula
DCP non-polymer 2'-DEOXYCYTIDINE-5'-TRIPHOSPHATE 'C9 H16 N3 O13 P3'
MG non-polymer 'MAGNESIUM ION' 'Mg 2'
#
# COMPACT_ATOMS: atom_id res chain seq x y z
N GLU A 12 -21.21 -1.70 -38.07
CA GLU A 12 -20.11 -1.24 -38.98
C GLU A 12 -18.77 -0.44 -38.63
N THR A 13 -18.26 -0.37 -37.39
CA THR A 13 -16.91 0.21 -37.05
C THR A 13 -16.55 -0.56 -35.83
N MET A 14 -15.46 -1.31 -35.87
CA MET A 14 -15.17 -2.18 -34.76
C MET A 14 -13.73 -2.10 -34.37
N ASP A 15 -13.16 -0.90 -34.46
CA ASP A 15 -11.83 -0.73 -33.92
C ASP A 15 -11.99 -0.03 -32.60
N TYR A 16 -11.85 -0.80 -31.54
CA TYR A 16 -12.06 -0.27 -30.22
C TYR A 16 -10.90 0.67 -29.83
N HIS A 17 -9.72 0.37 -30.36
CA HIS A 17 -8.60 1.22 -30.08
C HIS A 17 -8.89 2.61 -30.68
N ALA A 18 -9.13 2.65 -31.99
CA ALA A 18 -9.59 3.88 -32.61
C ALA A 18 -10.63 4.54 -31.73
N LEU A 19 -11.71 3.84 -31.49
CA LEU A 19 -12.73 4.42 -30.69
C LEU A 19 -12.11 4.99 -29.43
N ASN A 20 -11.24 4.25 -28.77
CA ASN A 20 -10.56 4.74 -27.57
C ASN A 20 -9.86 6.05 -27.77
N ALA A 21 -9.06 6.05 -28.83
CA ALA A 21 -8.25 7.14 -29.27
C ALA A 21 -9.07 8.38 -29.26
N MET A 22 -10.34 8.24 -29.47
CA MET A 22 -11.15 9.40 -29.64
C MET A 22 -11.32 10.15 -28.36
N LEU A 23 -11.02 9.53 -27.26
CA LEU A 23 -11.10 10.29 -26.04
C LEU A 23 -10.04 11.30 -26.04
N ASN A 24 -9.09 11.15 -26.92
CA ASN A 24 -7.96 12.05 -26.94
C ASN A 24 -8.13 13.23 -27.86
N LEU A 25 -9.38 13.54 -28.18
CA LEU A 25 -9.75 14.59 -29.08
C LEU A 25 -10.56 15.63 -28.37
N TYR A 26 -10.32 16.89 -28.66
CA TYR A 26 -11.09 18.02 -28.12
C TYR A 26 -11.77 18.70 -29.30
N ASP A 27 -13.00 19.20 -29.11
CA ASP A 27 -13.76 19.89 -30.16
C ASP A 27 -13.63 21.35 -29.94
N LYS A 28 -14.04 22.12 -30.92
CA LYS A 28 -13.95 23.57 -30.89
C LYS A 28 -14.36 24.14 -29.54
N ALA A 29 -15.06 23.39 -28.71
CA ALA A 29 -15.41 23.87 -27.40
C ALA A 29 -14.74 23.20 -26.20
N GLY A 30 -13.63 22.52 -26.47
CA GLY A 30 -12.86 21.84 -25.43
C GLY A 30 -13.57 20.75 -24.65
N HIS A 31 -14.34 19.99 -25.39
CA HIS A 31 -15.15 18.96 -24.84
C HIS A 31 -14.75 17.66 -25.49
N ILE A 32 -15.16 16.58 -24.84
CA ILE A 32 -14.82 15.26 -25.28
C ILE A 32 -15.96 14.30 -25.53
N GLN A 33 -15.82 13.54 -26.60
CA GLN A 33 -16.74 12.44 -26.95
C GLN A 33 -16.64 11.19 -25.99
N PHE A 34 -17.00 11.36 -24.75
CA PHE A 34 -16.93 10.27 -23.83
C PHE A 34 -17.59 9.02 -24.29
N ASP A 35 -18.69 9.14 -25.01
CA ASP A 35 -19.40 7.98 -25.47
C ASP A 35 -18.50 7.14 -26.33
N LYS A 36 -17.61 7.73 -27.07
CA LYS A 36 -16.84 6.95 -27.98
C LYS A 36 -16.10 5.82 -27.25
N ASP A 37 -15.87 6.04 -25.98
CA ASP A 37 -15.21 5.03 -25.19
C ASP A 37 -16.12 3.87 -24.91
N GLN A 38 -17.37 4.15 -24.67
CA GLN A 38 -18.33 3.09 -24.48
C GLN A 38 -18.42 2.31 -25.81
N GLN A 39 -18.50 3.01 -26.91
CA GLN A 39 -18.42 2.24 -28.13
C GLN A 39 -17.24 1.33 -28.14
N ALA A 40 -16.13 1.73 -27.54
CA ALA A 40 -14.97 0.85 -27.62
C ALA A 40 -15.23 -0.41 -26.83
N ILE A 41 -15.79 -0.27 -25.65
CA ILE A 41 -16.06 -1.47 -24.89
C ILE A 41 -16.88 -2.46 -25.75
N ASP A 42 -18.05 -1.98 -26.17
CA ASP A 42 -18.90 -2.75 -27.04
C ASP A 42 -18.08 -3.44 -28.17
N ALA A 43 -17.31 -2.72 -28.95
CA ALA A 43 -16.58 -3.45 -29.97
C ALA A 43 -15.58 -4.39 -29.41
N PHE A 44 -15.08 -4.16 -28.23
CA PHE A 44 -14.07 -5.05 -27.71
C PHE A 44 -14.71 -6.44 -27.46
N PHE A 45 -15.78 -6.39 -26.70
CA PHE A 45 -16.42 -7.62 -26.35
C PHE A 45 -16.81 -8.33 -27.62
N ALA A 46 -17.24 -7.59 -28.61
CA ALA A 46 -17.79 -8.21 -29.78
C ALA A 46 -16.76 -8.67 -30.73
N THR A 47 -15.70 -7.91 -30.88
CA THR A 47 -14.76 -8.30 -31.88
C THR A 47 -13.65 -9.17 -31.36
N HIS A 48 -13.45 -9.18 -30.05
CA HIS A 48 -12.32 -9.86 -29.43
C HIS A 48 -12.62 -10.79 -28.22
N VAL A 49 -13.39 -10.34 -27.26
CA VAL A 49 -13.65 -11.16 -26.12
C VAL A 49 -14.55 -12.24 -26.51
N ARG A 50 -15.83 -11.95 -26.64
CA ARG A 50 -16.79 -12.99 -26.91
C ARG A 50 -16.14 -14.02 -27.82
N PRO A 51 -15.66 -13.62 -28.98
CA PRO A 51 -15.05 -14.60 -29.83
C PRO A 51 -13.92 -15.43 -29.30
N HIS A 52 -13.29 -15.18 -28.17
CA HIS A 52 -12.07 -15.90 -27.84
C HIS A 52 -12.19 -16.43 -26.47
N SER A 53 -13.40 -16.34 -25.97
CA SER A 53 -13.73 -16.81 -24.66
C SER A 53 -14.53 -18.10 -24.76
N VAL A 54 -14.25 -19.02 -23.85
CA VAL A 54 -14.81 -20.35 -23.91
C VAL A 54 -16.10 -20.56 -23.20
N THR A 55 -17.07 -21.09 -23.92
CA THR A 55 -18.36 -21.37 -23.35
C THR A 55 -18.58 -22.88 -23.18
N PHE A 56 -18.96 -23.26 -21.96
CA PHE A 56 -19.27 -24.66 -21.63
C PHE A 56 -20.76 -24.87 -21.51
N ALA A 57 -21.18 -26.10 -21.67
CA ALA A 57 -22.59 -26.46 -21.63
C ALA A 57 -23.24 -26.17 -20.28
N SER A 58 -22.44 -26.30 -19.24
CA SER A 58 -22.87 -25.88 -17.93
C SER A 58 -21.66 -25.52 -17.09
N GLN A 59 -21.95 -24.78 -16.04
CA GLN A 59 -20.97 -24.49 -15.08
C GLN A 59 -20.35 -25.74 -14.53
N HIS A 60 -21.17 -26.71 -14.15
CA HIS A 60 -20.66 -27.94 -13.52
C HIS A 60 -19.71 -28.67 -14.41
N GLU A 61 -20.03 -28.82 -15.66
CA GLU A 61 -18.95 -29.37 -16.44
C GLU A 61 -17.74 -28.46 -16.47
N ARG A 62 -17.91 -27.14 -16.43
CA ARG A 62 -16.76 -26.22 -16.57
C ARG A 62 -15.82 -26.42 -15.44
N LEU A 63 -16.33 -26.32 -14.23
CA LEU A 63 -15.47 -26.64 -13.14
C LEU A 63 -14.76 -27.91 -13.51
N GLY A 64 -15.51 -28.99 -13.75
CA GLY A 64 -14.87 -30.27 -13.97
C GLY A 64 -13.69 -30.13 -14.89
N THR A 65 -13.94 -29.52 -16.03
CA THR A 65 -12.89 -29.43 -16.98
C THR A 65 -11.78 -28.61 -16.39
N LEU A 66 -12.09 -27.43 -15.86
CA LEU A 66 -11.01 -26.61 -15.40
C LEU A 66 -10.22 -27.40 -14.37
N VAL A 67 -10.83 -28.08 -13.42
CA VAL A 67 -9.93 -28.83 -12.56
C VAL A 67 -9.16 -29.94 -13.35
N ARG A 68 -9.86 -30.68 -14.17
CA ARG A 68 -9.20 -31.75 -14.85
C ARG A 68 -7.98 -31.31 -15.60
N GLU A 69 -8.10 -30.32 -16.43
CA GLU A 69 -6.98 -29.91 -17.28
C GLU A 69 -5.91 -29.10 -16.54
N GLY A 70 -6.05 -28.91 -15.24
CA GLY A 70 -4.99 -28.24 -14.54
C GLY A 70 -5.08 -26.74 -14.33
N TYR A 71 -6.22 -26.13 -14.61
CA TYR A 71 -6.36 -24.73 -14.34
C TYR A 71 -6.96 -24.40 -12.95
N TYR A 72 -8.08 -24.96 -12.55
CA TYR A 72 -8.58 -24.56 -11.25
C TYR A 72 -8.13 -25.43 -10.11
N ASP A 73 -7.87 -24.88 -8.96
CA ASP A 73 -7.48 -25.71 -7.86
C ASP A 73 -8.67 -26.35 -7.14
N ASP A 74 -8.80 -27.64 -7.29
CA ASP A 74 -9.88 -28.33 -6.66
C ASP A 74 -9.82 -28.23 -5.19
N ALA A 75 -8.70 -27.90 -4.63
CA ALA A 75 -8.75 -27.93 -3.19
C ALA A 75 -9.65 -26.86 -2.61
N VAL A 76 -9.98 -25.86 -3.42
CA VAL A 76 -10.68 -24.72 -2.92
C VAL A 76 -12.10 -24.99 -3.06
N LEU A 77 -12.44 -25.58 -4.21
CA LEU A 77 -13.82 -25.97 -4.43
C LEU A 77 -14.24 -26.98 -3.34
N ALA A 78 -13.31 -27.79 -2.90
CA ALA A 78 -13.65 -28.83 -1.96
C ALA A 78 -14.06 -28.39 -0.61
N ARG A 79 -14.09 -27.12 -0.34
CA ARG A 79 -14.48 -26.74 1.01
C ARG A 79 -15.95 -26.36 1.01
N TYR A 80 -16.58 -26.61 -0.09
CA TYR A 80 -17.91 -26.17 -0.23
C TYR A 80 -18.76 -27.30 -0.82
N ASP A 81 -20.03 -27.35 -0.50
CA ASP A 81 -20.86 -28.29 -1.21
C ASP A 81 -21.03 -27.72 -2.61
N ARG A 82 -20.64 -28.50 -3.58
CA ARG A 82 -20.68 -28.09 -4.94
C ARG A 82 -21.94 -27.37 -5.40
N ALA A 83 -23.09 -27.66 -4.81
CA ALA A 83 -24.32 -26.98 -5.23
C ALA A 83 -24.16 -25.50 -4.90
N PHE A 84 -23.74 -25.28 -3.66
CA PHE A 84 -23.47 -23.94 -3.18
C PHE A 84 -22.58 -23.27 -4.15
N VAL A 85 -21.57 -23.98 -4.65
CA VAL A 85 -20.65 -23.36 -5.61
C VAL A 85 -21.63 -22.88 -6.68
N LEU A 86 -21.81 -23.60 -7.74
CA LEU A 86 -22.83 -23.25 -8.73
C LEU A 86 -23.85 -22.15 -8.34
N ARG A 87 -24.44 -22.23 -7.18
CA ARG A 87 -25.33 -21.18 -6.86
C ARG A 87 -24.59 -19.83 -6.97
N LEU A 88 -23.45 -19.77 -6.32
CA LEU A 88 -22.57 -18.62 -6.44
C LEU A 88 -22.17 -18.25 -7.87
N PHE A 89 -21.71 -19.14 -8.70
CA PHE A 89 -21.34 -18.54 -9.97
C PHE A 89 -22.51 -17.90 -10.61
N GLU A 90 -23.69 -18.37 -10.27
CA GLU A 90 -24.86 -17.94 -10.99
C GLU A 90 -25.28 -16.59 -10.55
N HIS A 91 -25.23 -16.41 -9.26
CA HIS A 91 -25.51 -15.15 -8.65
C HIS A 91 -24.56 -14.18 -9.19
N ALA A 92 -23.35 -14.66 -9.31
CA ALA A 92 -22.26 -13.83 -9.71
C ALA A 92 -22.64 -13.26 -10.98
N HIS A 93 -22.87 -14.14 -11.95
CA HIS A 93 -23.13 -13.68 -13.26
C HIS A 93 -24.46 -13.03 -13.38
N ALA A 94 -25.20 -12.92 -12.28
CA ALA A 94 -26.53 -12.40 -12.40
C ALA A 94 -26.56 -11.06 -11.84
N SER A 95 -25.42 -10.56 -11.43
CA SER A 95 -25.39 -9.30 -10.71
C SER A 95 -25.56 -8.09 -11.60
N GLY A 96 -25.31 -8.25 -12.88
CA GLY A 96 -25.37 -7.10 -13.79
C GLY A 96 -24.10 -6.26 -13.95
N PHE A 97 -22.94 -6.83 -13.65
CA PHE A 97 -21.67 -6.18 -13.77
C PHE A 97 -21.31 -5.74 -15.18
N ARG A 98 -20.89 -4.50 -15.37
CA ARG A 98 -20.32 -4.05 -16.65
C ARG A 98 -19.03 -3.34 -16.34
N PHE A 99 -18.10 -3.28 -17.27
CA PHE A 99 -16.95 -2.52 -16.99
C PHE A 99 -17.39 -1.18 -17.37
N GLN A 100 -16.89 -0.16 -16.67
CA GLN A 100 -17.13 1.19 -17.14
C GLN A 100 -16.21 1.77 -18.16
N THR A 101 -15.10 1.14 -18.56
CA THR A 101 -14.22 1.78 -19.51
C THR A 101 -13.42 0.81 -20.37
N PHE A 102 -13.08 1.26 -21.57
CA PHE A 102 -12.32 0.37 -22.40
C PHE A 102 -11.01 -0.12 -21.79
N LEU A 103 -10.37 0.67 -20.96
CA LEU A 103 -9.11 0.22 -20.34
C LEU A 103 -9.42 -0.77 -19.24
N GLY A 104 -10.41 -0.47 -18.46
CA GLY A 104 -10.77 -1.41 -17.44
C GLY A 104 -10.92 -2.87 -18.03
N ALA A 105 -11.90 -3.11 -18.90
CA ALA A 105 -11.98 -4.32 -19.63
C ALA A 105 -10.61 -4.73 -20.13
N TRP A 106 -10.07 -4.03 -21.09
CA TRP A 106 -8.83 -4.47 -21.73
C TRP A 106 -7.72 -4.88 -20.78
N LYS A 107 -7.67 -4.21 -19.64
CA LYS A 107 -6.68 -4.54 -18.65
C LYS A 107 -6.92 -5.93 -18.10
N PHE A 108 -8.17 -6.16 -17.72
CA PHE A 108 -8.54 -7.39 -17.07
C PHE A 108 -8.36 -8.63 -17.95
N TYR A 109 -8.66 -8.50 -19.22
CA TYR A 109 -8.46 -9.61 -20.10
C TYR A 109 -7.04 -9.70 -20.54
N THR A 110 -6.27 -8.63 -20.62
CA THR A 110 -4.89 -8.84 -21.06
C THR A 110 -3.97 -9.23 -19.95
N SER A 111 -4.33 -8.99 -18.71
CA SER A 111 -3.43 -9.24 -17.64
C SER A 111 -4.09 -9.93 -16.44
N TYR A 112 -5.40 -9.96 -16.31
CA TYR A 112 -5.93 -10.61 -15.11
C TYR A 112 -6.68 -11.89 -15.33
N THR A 113 -7.54 -11.95 -16.32
CA THR A 113 -8.37 -13.13 -16.46
C THR A 113 -7.52 -14.30 -16.82
N LEU A 114 -8.01 -15.50 -16.51
CA LEU A 114 -7.31 -16.73 -16.79
C LEU A 114 -7.44 -17.13 -18.18
N LYS A 115 -6.36 -17.47 -18.84
CA LYS A 115 -6.38 -17.91 -20.24
C LYS A 115 -6.02 -19.36 -20.29
N THR A 116 -6.21 -20.00 -21.44
CA THR A 116 -5.72 -21.34 -21.62
C THR A 116 -4.22 -21.32 -21.66
N PHE A 117 -3.60 -22.44 -21.38
CA PHE A 117 -2.15 -22.49 -21.32
C PHE A 117 -1.43 -22.08 -22.58
N ASP A 118 -2.09 -21.99 -23.70
CA ASP A 118 -1.38 -21.63 -24.89
C ASP A 118 -1.63 -20.21 -25.22
N GLY A 119 -2.41 -19.55 -24.39
CA GLY A 119 -2.69 -18.15 -24.58
C GLY A 119 -3.85 -17.87 -25.49
N LYS A 120 -4.25 -18.85 -26.26
CA LYS A 120 -5.20 -18.56 -27.28
C LYS A 120 -6.62 -18.30 -26.89
N ARG A 121 -7.05 -18.47 -25.63
CA ARG A 121 -8.50 -18.36 -25.33
C ARG A 121 -8.67 -18.02 -23.91
N TYR A 122 -9.74 -17.34 -23.59
CA TYR A 122 -10.00 -16.92 -22.23
C TYR A 122 -10.86 -17.93 -21.54
N LEU A 123 -10.66 -18.15 -20.26
CA LEU A 123 -11.46 -19.07 -19.52
C LEU A 123 -12.20 -18.40 -18.38
N GLU A 124 -11.90 -17.14 -18.11
CA GLU A 124 -12.65 -16.44 -17.08
C GLU A 124 -13.19 -15.12 -17.55
N HIS A 125 -14.17 -14.65 -16.84
CA HIS A 125 -14.74 -13.39 -17.07
C HIS A 125 -14.67 -12.74 -15.71
N PHE A 126 -14.94 -11.46 -15.66
CA PHE A 126 -14.80 -10.80 -14.40
C PHE A 126 -15.41 -11.47 -13.20
N GLU A 127 -16.62 -12.03 -13.36
CA GLU A 127 -17.32 -12.57 -12.22
C GLU A 127 -16.84 -13.95 -11.83
N ASP A 128 -16.28 -14.69 -12.78
CA ASP A 128 -15.73 -15.98 -12.46
C ASP A 128 -14.63 -15.70 -11.47
N ARG A 129 -13.79 -14.74 -11.85
CA ARG A 129 -12.63 -14.37 -11.05
C ARG A 129 -13.11 -13.87 -9.79
N VAL A 130 -14.15 -13.07 -9.82
CA VAL A 130 -14.66 -12.57 -8.54
C VAL A 130 -14.95 -13.75 -7.62
N THR A 131 -15.71 -14.73 -8.17
CA THR A 131 -16.24 -15.92 -7.49
C THR A 131 -15.16 -16.71 -6.85
N MET A 132 -14.25 -17.17 -7.69
CA MET A 132 -13.06 -17.87 -7.17
C MET A 132 -12.34 -17.07 -6.09
N VAL A 133 -12.24 -15.73 -6.22
CA VAL A 133 -11.61 -15.04 -5.13
C VAL A 133 -12.44 -15.23 -3.87
N ALA A 134 -13.72 -14.95 -3.98
CA ALA A 134 -14.65 -15.12 -2.87
C ALA A 134 -14.57 -16.53 -2.29
N LEU A 135 -14.49 -17.51 -3.18
CA LEU A 135 -14.47 -18.81 -2.61
C LEU A 135 -13.22 -19.00 -1.83
N THR A 136 -12.10 -18.58 -2.43
CA THR A 136 -10.84 -18.77 -1.78
C THR A 136 -10.75 -18.13 -0.42
N LEU A 137 -11.11 -16.87 -0.31
CA LEU A 137 -10.88 -16.23 0.97
C LEU A 137 -11.84 -16.69 2.01
N ALA A 138 -13.00 -17.17 1.59
CA ALA A 138 -14.06 -17.47 2.55
C ALA A 138 -13.82 -18.80 3.14
N GLN A 139 -12.86 -19.48 2.55
CA GLN A 139 -12.45 -20.73 3.12
C GLN A 139 -13.58 -21.64 3.60
N GLY A 140 -14.69 -21.69 2.88
CA GLY A 140 -15.75 -22.57 3.29
C GLY A 140 -16.92 -21.85 3.87
N ASP A 141 -16.69 -20.68 4.41
CA ASP A 141 -17.80 -19.90 4.91
C ASP A 141 -18.56 -19.34 3.73
N GLU A 142 -19.78 -19.86 3.57
CA GLU A 142 -20.67 -19.51 2.46
C GLU A 142 -21.25 -18.10 2.58
N THR A 143 -21.73 -17.72 3.73
CA THR A 143 -22.29 -16.39 3.73
C THR A 143 -21.17 -15.45 3.45
N LEU A 144 -20.02 -15.71 4.05
CA LEU A 144 -18.89 -14.89 3.77
C LEU A 144 -18.63 -14.91 2.27
N ALA A 145 -18.37 -16.06 1.70
CA ALA A 145 -18.23 -16.11 0.26
C ALA A 145 -19.26 -15.25 -0.45
N THR A 146 -20.49 -15.20 0.02
CA THR A 146 -21.45 -14.50 -0.79
C THR A 146 -21.18 -13.02 -0.71
N GLN A 147 -21.04 -12.55 0.51
CA GLN A 147 -20.74 -11.18 0.72
C GLN A 147 -19.49 -10.68 -0.13
N LEU A 148 -18.36 -11.37 0.00
CA LEU A 148 -17.22 -10.98 -0.75
C LEU A 148 -17.64 -10.89 -2.14
N THR A 149 -18.42 -11.79 -2.61
CA THR A 149 -18.74 -11.71 -4.02
C THR A 149 -19.43 -10.42 -4.32
N ASP A 150 -20.27 -10.08 -3.36
CA ASP A 150 -21.14 -8.97 -3.58
C ASP A 150 -20.36 -7.71 -3.53
N GLU A 151 -19.56 -7.60 -2.48
CA GLU A 151 -18.68 -6.45 -2.30
C GLU A 151 -17.78 -6.24 -3.54
N MET A 152 -17.29 -7.32 -4.12
CA MET A 152 -16.40 -7.07 -5.22
C MET A 152 -17.19 -6.70 -6.45
N LEU A 153 -18.39 -7.19 -6.61
CA LEU A 153 -19.06 -6.97 -7.86
C LEU A 153 -19.65 -5.62 -7.86
N SER A 154 -19.91 -5.11 -6.68
CA SER A 154 -20.52 -3.84 -6.57
C SER A 154 -19.50 -2.78 -6.74
N GLY A 155 -18.22 -3.14 -6.63
CA GLY A 155 -17.17 -2.17 -6.74
C GLY A 155 -16.74 -1.71 -5.35
N ARG A 156 -17.49 -2.09 -4.33
CA ARG A 156 -17.11 -1.63 -3.03
C ARG A 156 -15.73 -2.10 -2.59
N PHE A 157 -15.27 -3.24 -3.09
CA PHE A 157 -14.00 -3.82 -2.65
C PHE A 157 -13.17 -4.37 -3.79
N GLN A 158 -11.86 -4.27 -3.60
CA GLN A 158 -10.91 -4.58 -4.62
C GLN A 158 -9.66 -4.99 -3.97
N PRO A 159 -9.48 -6.28 -3.85
CA PRO A 159 -8.28 -6.88 -3.30
C PRO A 159 -7.07 -6.52 -4.07
N ALA A 160 -5.96 -6.69 -3.40
CA ALA A 160 -4.70 -6.45 -4.04
C ALA A 160 -4.46 -7.36 -5.22
N THR A 161 -3.71 -6.86 -6.17
CA THR A 161 -3.48 -7.57 -7.43
C THR A 161 -3.07 -8.99 -7.20
N PRO A 162 -2.00 -9.18 -6.50
CA PRO A 162 -1.56 -10.54 -6.19
C PRO A 162 -2.72 -11.48 -5.69
N THR A 163 -3.62 -11.04 -4.85
CA THR A 163 -4.72 -11.90 -4.51
C THR A 163 -5.76 -12.06 -5.64
N PHE A 164 -6.18 -10.94 -6.19
CA PHE A 164 -7.15 -10.97 -7.24
C PHE A 164 -6.77 -11.89 -8.30
N LEU A 165 -5.50 -12.02 -8.52
CA LEU A 165 -5.03 -12.71 -9.70
C LEU A 165 -4.79 -14.15 -9.45
N ASN A 166 -4.48 -14.51 -8.26
CA ASN A 166 -4.15 -15.90 -8.09
C ASN A 166 -5.13 -16.77 -7.39
N CYS A 167 -6.05 -16.17 -6.63
CA CYS A 167 -6.93 -16.98 -5.85
C CYS A 167 -7.56 -18.00 -6.74
N GLY A 168 -7.53 -19.24 -6.25
CA GLY A 168 -8.20 -20.28 -6.96
C GLY A 168 -7.42 -20.94 -8.04
N LYS A 169 -6.55 -20.23 -8.69
CA LYS A 169 -5.76 -20.84 -9.74
C LYS A 169 -4.93 -21.99 -9.20
N GLN A 170 -4.65 -22.92 -10.06
CA GLN A 170 -3.88 -24.14 -9.75
C GLN A 170 -2.40 -23.83 -9.88
N GLN A 171 -2.04 -23.25 -11.02
CA GLN A 171 -0.70 -22.75 -11.32
C GLN A 171 -0.73 -21.25 -10.95
N ARG A 172 -0.10 -20.85 -9.85
CA ARG A 172 -0.32 -19.47 -9.42
C ARG A 172 0.71 -18.82 -8.52
N GLY A 173 0.60 -17.50 -8.38
CA GLY A 173 1.53 -16.81 -7.53
C GLY A 173 1.16 -16.93 -6.07
N GLU A 174 1.86 -16.15 -5.29
CA GLU A 174 1.58 -16.03 -3.88
C GLU A 174 0.54 -14.93 -3.79
N LEU A 175 -0.16 -14.88 -2.68
CA LEU A 175 -1.27 -13.95 -2.54
C LEU A 175 -0.95 -12.60 -1.94
N VAL A 176 0.29 -12.45 -1.53
CA VAL A 176 0.75 -11.32 -0.80
C VAL A 176 1.96 -11.01 -1.56
N SER A 177 2.37 -9.77 -1.71
CA SER A 177 3.68 -9.63 -2.36
C SER A 177 4.60 -8.48 -2.07
N CYS A 178 4.41 -7.73 -1.01
CA CYS A 178 5.48 -6.77 -0.67
C CYS A 178 5.88 -7.14 0.71
N PHE A 179 7.18 -7.08 0.96
CA PHE A 179 7.79 -7.53 2.18
C PHE A 179 8.83 -6.55 2.69
N LEU A 180 9.02 -6.49 4.01
CA LEU A 180 9.97 -5.60 4.68
C LEU A 180 10.89 -6.41 5.56
N LEU A 181 12.21 -6.28 5.41
CA LEU A 181 13.06 -7.10 6.23
C LEU A 181 14.10 -6.34 6.91
N ARG A 182 14.46 -6.75 8.11
CA ARG A 182 15.62 -6.18 8.79
C ARG A 182 16.92 -6.83 8.35
N ILE A 183 18.01 -6.22 8.71
CA ILE A 183 19.28 -6.87 8.63
C ILE A 183 20.06 -6.64 9.91
N GLU A 184 20.84 -7.60 10.34
CA GLU A 184 21.57 -7.28 11.52
C GLU A 184 23.05 -7.16 11.23
N ASP A 185 23.75 -6.42 12.11
CA ASP A 185 25.18 -6.11 11.90
C ASP A 185 26.11 -7.28 12.05
N ASN A 186 25.90 -8.28 11.22
CA ASN A 186 26.82 -9.40 11.14
C ASN A 186 26.54 -10.18 9.86
N MET A 187 27.50 -10.97 9.45
CA MET A 187 27.48 -11.48 8.08
C MET A 187 26.30 -12.38 7.87
N GLU A 188 26.05 -13.12 8.87
CA GLU A 188 24.93 -14.00 8.82
C GLU A 188 23.67 -13.32 8.34
N SER A 189 23.29 -12.28 9.08
CA SER A 189 22.14 -11.54 8.64
C SER A 189 22.33 -11.11 7.18
N ILE A 190 23.48 -10.59 6.86
CA ILE A 190 23.65 -10.13 5.52
C ILE A 190 23.38 -11.22 4.49
N GLY A 191 23.99 -12.37 4.71
CA GLY A 191 23.82 -13.50 3.83
C GLY A 191 22.37 -13.83 3.68
N ARG A 192 21.70 -13.93 4.81
CA ARG A 192 20.28 -14.20 4.78
C ARG A 192 19.60 -13.11 3.99
N ALA A 193 19.96 -11.86 4.16
CA ALA A 193 19.19 -10.88 3.42
C ALA A 193 19.28 -11.11 1.95
N VAL A 194 20.48 -11.37 1.46
CA VAL A 194 20.63 -11.56 0.08
C VAL A 194 19.84 -12.79 -0.26
N ASN A 195 19.90 -13.86 0.51
CA ASN A 195 19.09 -14.98 0.12
C ASN A 195 17.61 -14.67 0.11
N SER A 196 17.11 -13.82 0.99
CA SER A 196 15.68 -13.54 0.96
C SER A 196 15.32 -12.78 -0.28
N ALA A 197 16.14 -11.81 -0.57
CA ALA A 197 16.00 -11.11 -1.81
C ALA A 197 15.82 -12.11 -2.94
N LEU A 198 16.72 -13.04 -3.10
CA LEU A 198 16.56 -13.97 -4.14
C LEU A 198 15.21 -14.69 -4.03
N GLN A 199 14.95 -15.37 -2.93
CA GLN A 199 13.70 -16.16 -2.89
C GLN A 199 12.41 -15.38 -3.04
N LEU A 200 12.36 -14.22 -2.45
CA LEU A 200 11.16 -13.44 -2.52
C LEU A 200 10.99 -12.92 -3.94
N SER A 201 12.05 -12.34 -4.50
CA SER A 201 11.98 -11.70 -5.80
C SER A 201 11.81 -12.71 -6.91
N LYS A 202 12.27 -13.93 -6.75
CA LYS A 202 12.00 -14.85 -7.86
C LYS A 202 10.54 -14.99 -8.02
N ARG A 203 9.78 -14.81 -6.96
CA ARG A 203 8.37 -14.98 -7.05
C ARG A 203 7.62 -13.68 -7.20
N GLY A 204 8.31 -12.59 -7.55
CA GLY A 204 7.64 -11.36 -7.85
C GLY A 204 7.39 -10.45 -6.69
N GLY A 205 7.95 -10.81 -5.57
CA GLY A 205 7.75 -9.92 -4.43
C GLY A 205 8.59 -8.67 -4.40
N GLY A 206 8.07 -7.62 -3.79
CA GLY A 206 8.82 -6.39 -3.64
C GLY A 206 9.34 -6.45 -2.25
N VAL A 207 10.57 -6.07 -2.08
CA VAL A 207 11.16 -6.24 -0.77
C VAL A 207 12.00 -5.09 -0.35
N ALA A 208 11.81 -4.64 0.84
CA ALA A 208 12.63 -3.53 1.24
C ALA A 208 13.51 -3.97 2.36
N PHE A 209 14.74 -3.44 2.42
CA PHE A 209 15.63 -3.73 3.52
C PHE A 209 16.03 -2.53 4.37
N LEU A 210 16.08 -2.74 5.67
CA LEU A 210 16.59 -1.76 6.59
C LEU A 210 18.09 -1.90 6.56
N LEU A 211 18.81 -0.80 6.58
CA LEU A 211 20.26 -0.85 6.55
C LEU A 211 20.90 -0.14 7.69
N SER A 212 20.10 0.59 8.46
CA SER A 212 20.59 1.42 9.51
C SER A 212 21.43 0.68 10.61
N ASN A 213 21.20 -0.59 10.87
CA ASN A 213 21.95 -1.26 11.89
C ASN A 213 23.34 -1.58 11.51
N LEU A 214 23.62 -1.58 10.21
CA LEU A 214 24.93 -2.02 9.76
C LEU A 214 26.01 -1.06 10.19
N ARG A 215 27.13 -1.59 10.64
CA ARG A 215 28.24 -0.70 10.98
C ARG A 215 28.71 0.08 9.79
N GLU A 216 28.96 1.36 10.03
CA GLU A 216 29.35 2.33 9.04
C GLU A 216 30.66 2.13 8.35
N ALA A 217 30.82 2.76 7.21
CA ALA A 217 32.10 2.71 6.49
C ALA A 217 33.26 3.23 7.33
N GLY A 218 34.23 2.36 7.60
CA GLY A 218 35.41 2.76 8.35
C GLY A 218 35.52 2.14 9.73
N ALA A 219 34.40 1.60 10.16
CA ALA A 219 34.34 1.01 11.47
C ALA A 219 35.18 -0.25 11.49
N PRO A 220 35.40 -0.79 12.67
CA PRO A 220 36.22 -1.98 12.80
C PRO A 220 35.50 -3.28 12.63
N ILE A 221 36.34 -4.29 12.57
CA ILE A 221 35.93 -5.65 12.49
C ILE A 221 36.95 -6.43 13.24
N LYS A 222 36.50 -7.14 14.25
CA LYS A 222 37.37 -7.98 15.04
C LYS A 222 38.42 -7.15 15.78
N ARG A 223 37.94 -6.03 16.23
CA ARG A 223 38.72 -5.07 16.95
C ARG A 223 39.94 -4.51 16.23
N ILE A 224 40.00 -4.70 14.91
CA ILE A 224 41.03 -4.00 14.18
C ILE A 224 40.42 -2.88 13.35
N GLU A 225 40.89 -1.67 13.63
CA GLU A 225 40.40 -0.42 13.10
C GLU A 225 40.31 -0.29 11.61
N ASN A 226 39.55 0.72 11.23
CA ASN A 226 39.29 1.08 9.86
C ASN A 226 39.21 -0.10 8.95
N GLN A 227 38.14 -0.87 9.06
CA GLN A 227 38.07 -2.09 8.31
C GLN A 227 36.71 -2.36 7.67
N SER A 228 35.63 -1.85 8.21
CA SER A 228 34.33 -2.13 7.64
C SER A 228 34.19 -1.37 6.35
N SER A 229 33.38 -1.84 5.36
CA SER A 229 33.04 -0.99 4.14
C SER A 229 31.60 -0.49 4.00
N GLY A 230 30.91 -0.42 5.12
CA GLY A 230 29.54 0.06 5.16
C GLY A 230 28.51 -0.57 4.24
N VAL A 231 27.48 0.19 3.99
CA VAL A 231 26.32 -0.31 3.28
C VAL A 231 26.39 -0.48 1.80
N ILE A 232 27.23 0.22 1.12
CA ILE A 232 27.08 0.22 -0.30
C ILE A 232 27.33 -1.13 -0.92
N PRO A 233 28.40 -1.73 -0.52
CA PRO A 233 28.72 -2.99 -1.16
C PRO A 233 27.57 -3.95 -0.81
N VAL A 234 26.84 -3.66 0.25
CA VAL A 234 25.70 -4.51 0.54
C VAL A 234 24.55 -4.08 -0.35
N MET A 235 24.30 -2.80 -0.43
CA MET A 235 23.36 -2.34 -1.43
C MET A 235 23.75 -3.04 -2.76
N LYS A 236 25.01 -3.22 -3.04
CA LYS A 236 25.36 -3.68 -4.37
C LYS A 236 24.93 -5.08 -4.63
N MET A 237 24.96 -5.88 -3.59
CA MET A 237 24.59 -7.28 -3.73
C MET A 237 23.11 -7.34 -3.91
N LEU A 238 22.36 -6.67 -3.03
CA LEU A 238 20.92 -6.78 -3.10
C LEU A 238 20.54 -6.39 -4.47
N GLU A 239 21.17 -5.34 -4.96
CA GLU A 239 20.86 -4.92 -6.31
C GLU A 239 21.04 -6.09 -7.29
N ASP A 240 22.16 -6.75 -7.29
CA ASP A 240 22.29 -7.76 -8.32
C ASP A 240 21.27 -8.83 -8.12
N ALA A 241 21.01 -9.19 -6.89
CA ALA A 241 20.00 -10.17 -6.62
C ALA A 241 18.69 -9.86 -7.31
N PHE A 242 18.17 -8.66 -7.08
CA PHE A 242 16.91 -8.25 -7.65
C PHE A 242 17.02 -8.20 -9.13
N SER A 243 18.15 -7.83 -9.61
CA SER A 243 18.19 -7.76 -10.99
C SER A 243 18.23 -9.20 -11.51
N TYR A 244 18.85 -10.13 -10.83
CA TYR A 244 18.93 -11.46 -11.38
C TYR A 244 17.62 -12.10 -11.32
N ALA A 245 16.97 -12.05 -10.18
CA ALA A 245 15.73 -12.72 -10.03
C ALA A 245 14.56 -11.87 -10.30
N ASN A 246 14.31 -11.68 -11.60
CA ASN A 246 13.13 -11.01 -12.12
C ASN A 246 11.94 -11.91 -11.74
N GLN A 247 10.76 -11.61 -12.25
CA GLN A 247 9.56 -12.42 -12.10
C GLN A 247 9.23 -12.74 -13.50
N LEU A 248 8.73 -13.95 -13.74
CA LEU A 248 8.44 -14.40 -15.07
C LEU A 248 7.62 -13.37 -15.79
N GLY A 249 8.16 -12.85 -16.87
CA GLY A 249 7.53 -11.78 -17.60
C GLY A 249 7.99 -10.40 -17.18
N ALA A 250 9.16 -10.31 -16.55
CA ALA A 250 9.72 -9.01 -16.06
C ALA A 250 11.27 -9.01 -16.12
N ARG A 251 11.88 -7.79 -16.26
CA ARG A 251 13.36 -7.67 -16.31
C ARG A 251 14.03 -7.06 -15.06
N GLN A 252 13.49 -6.04 -14.47
CA GLN A 252 14.07 -5.63 -13.21
C GLN A 252 13.15 -6.22 -12.13
N GLY A 253 13.68 -6.44 -10.94
CA GLY A 253 12.88 -6.86 -9.82
C GLY A 253 12.77 -5.59 -9.01
N ALA A 254 12.09 -5.58 -7.89
CA ALA A 254 11.98 -4.35 -7.15
C ALA A 254 12.41 -4.47 -5.69
N GLY A 255 13.38 -3.63 -5.37
CA GLY A 255 13.93 -3.53 -4.03
C GLY A 255 14.01 -2.10 -3.49
N ALA A 256 14.22 -2.04 -2.20
CA ALA A 256 14.36 -0.80 -1.57
C ALA A 256 15.26 -0.97 -0.36
N VAL A 257 15.88 0.11 0.05
CA VAL A 257 16.69 0.07 1.24
C VAL A 257 16.39 1.32 2.01
N TYR A 258 16.22 1.21 3.31
CA TYR A 258 16.00 2.41 4.07
C TYR A 258 17.21 2.67 4.93
N LEU A 259 17.48 3.93 5.22
CA LEU A 259 18.63 4.21 6.07
C LEU A 259 18.37 5.44 6.91
N HIS A 260 18.82 5.42 8.16
CA HIS A 260 18.54 6.54 9.07
C HIS A 260 19.39 7.76 8.69
N ALA A 261 18.79 8.94 8.66
CA ALA A 261 19.53 10.13 8.26
C ALA A 261 20.74 10.40 9.15
N HIS A 262 20.66 9.97 10.39
CA HIS A 262 21.76 10.20 11.22
C HIS A 262 22.79 9.09 11.20
N HIS A 263 22.88 8.36 10.11
CA HIS A 263 23.81 7.26 10.05
C HIS A 263 24.99 7.74 9.26
N PRO A 264 26.16 7.42 9.74
CA PRO A 264 27.39 7.98 9.19
C PRO A 264 27.53 7.80 7.71
N ASP A 265 26.83 6.83 7.12
CA ASP A 265 26.98 6.61 5.68
C ASP A 265 25.89 7.33 4.86
N ILE A 266 25.12 8.18 5.53
CA ILE A 266 24.01 8.81 4.85
C ILE A 266 24.38 9.46 3.55
N LEU A 267 25.48 10.14 3.50
CA LEU A 267 25.77 10.84 2.29
C LEU A 267 26.37 9.94 1.29
N ARG A 268 27.07 8.88 1.67
CA ARG A 268 27.56 8.04 0.58
C ARG A 268 26.38 7.37 -0.04
N PHE A 269 25.38 7.23 0.79
CA PHE A 269 24.18 6.52 0.47
C PHE A 269 23.39 7.28 -0.54
N LEU A 270 23.12 8.54 -0.23
CA LEU A 270 22.39 9.40 -1.13
C LEU A 270 23.15 9.49 -2.38
N ASP A 271 24.44 9.31 -2.21
CA ASP A 271 25.28 9.50 -3.36
C ASP A 271 25.23 8.50 -4.43
N THR A 272 24.54 7.39 -4.21
CA THR A 272 24.51 6.34 -5.18
C THR A 272 23.59 6.76 -6.24
N LYS A 273 22.86 7.83 -6.02
CA LYS A 273 21.85 8.11 -7.00
C LYS A 273 22.14 9.34 -7.80
N ARG A 274 23.37 9.84 -7.63
CA ARG A 274 23.86 11.01 -8.35
C ARG A 274 24.53 10.60 -9.65
N ARG A 282 27.19 3.59 -7.65
CA ARG A 282 25.98 3.89 -8.42
C ARG A 282 25.17 2.63 -8.45
N ILE A 283 23.95 2.80 -7.97
CA ILE A 283 22.96 1.75 -7.81
C ILE A 283 21.75 2.07 -8.67
N LYS A 284 21.63 1.37 -9.79
CA LYS A 284 20.60 1.73 -10.75
C LYS A 284 19.22 1.20 -10.53
N THR A 285 18.99 0.22 -9.69
CA THR A 285 17.60 -0.14 -9.61
C THR A 285 16.96 -0.24 -8.25
N LEU A 286 17.71 -0.27 -7.16
CA LEU A 286 17.05 -0.27 -5.88
C LEU A 286 16.53 1.10 -5.65
N SER A 287 15.52 1.28 -4.87
CA SER A 287 15.09 2.59 -4.53
C SER A 287 15.59 2.88 -3.13
N LEU A 288 15.65 4.15 -2.82
CA LEU A 288 16.10 4.52 -1.54
C LEU A 288 14.99 5.12 -0.75
N GLY A 289 15.18 5.12 0.55
CA GLY A 289 14.29 5.74 1.49
C GLY A 289 15.08 6.19 2.70
N VAL A 290 14.75 7.35 3.26
CA VAL A 290 15.47 7.88 4.35
C VAL A 290 14.61 8.15 5.50
N VAL A 291 15.08 7.74 6.67
CA VAL A 291 14.30 7.99 7.89
C VAL A 291 14.76 9.28 8.48
N ILE A 292 13.87 10.09 8.98
CA ILE A 292 14.32 11.36 9.49
C ILE A 292 13.62 11.73 10.72
N PRO A 293 14.33 11.99 11.80
CA PRO A 293 13.70 12.29 13.07
C PRO A 293 13.46 13.76 13.13
N ASP A 294 12.77 14.21 14.15
CA ASP A 294 12.43 15.63 14.24
C ASP A 294 13.64 16.54 14.42
N ILE A 295 14.57 16.12 15.24
CA ILE A 295 15.71 16.96 15.46
C ILE A 295 16.38 17.41 14.16
N THR A 296 16.47 16.55 13.21
CA THR A 296 17.08 16.96 11.99
C THR A 296 16.45 18.24 11.50
N PHE A 297 15.14 18.37 11.69
CA PHE A 297 14.46 19.55 11.23
C PHE A 297 14.92 20.60 12.21
N ARG A 298 14.98 20.28 13.48
CA ARG A 298 15.37 21.35 14.36
C ARG A 298 16.71 21.89 13.94
N LEU A 299 17.69 21.04 13.74
CA LEU A 299 18.99 21.53 13.39
C LEU A 299 19.01 22.39 12.19
N ALA A 300 18.40 21.98 11.11
CA ALA A 300 18.53 22.78 9.91
C ALA A 300 17.86 24.13 10.12
N LYS A 301 16.76 24.19 10.87
CA LYS A 301 16.13 25.47 11.08
C LYS A 301 17.24 26.39 11.59
N GLU A 302 17.71 26.02 12.73
CA GLU A 302 18.75 26.81 13.31
C GLU A 302 20.02 26.48 12.60
N ASN A 303 20.14 26.92 11.41
CA ASN A 303 21.29 26.44 10.68
C ASN A 303 22.42 25.69 11.44
N ALA A 304 22.14 24.51 11.99
CA ALA A 304 23.18 23.79 12.77
C ALA A 304 23.85 22.61 12.03
N GLN A 305 24.70 21.88 12.77
CA GLN A 305 25.40 20.74 12.24
C GLN A 305 24.65 19.49 12.65
N MET A 306 24.65 18.47 11.81
CA MET A 306 23.98 17.25 12.13
C MET A 306 24.99 16.26 12.64
N ALA A 307 24.75 15.64 13.77
CA ALA A 307 25.73 14.69 14.21
C ALA A 307 25.35 13.24 13.87
N LEU A 308 26.28 12.50 13.28
CA LEU A 308 26.05 11.13 12.93
C LEU A 308 26.76 10.20 13.89
N PHE A 309 26.02 9.28 14.50
CA PHE A 309 26.55 8.40 15.52
C PHE A 309 26.90 7.04 14.96
N SER A 310 27.97 6.42 15.41
CA SER A 310 28.29 5.09 14.94
C SER A 310 27.43 3.97 15.50
N PRO A 311 26.87 3.18 14.60
CA PRO A 311 26.04 2.05 14.99
C PRO A 311 26.93 1.04 15.69
N TYR A 312 28.20 0.96 15.28
CA TYR A 312 29.13 0.07 15.95
C TYR A 312 29.18 0.43 17.41
N ASP A 313 29.58 1.62 17.69
CA ASP A 313 29.65 1.96 19.06
C ASP A 313 28.28 1.81 19.73
N ILE A 314 27.28 2.42 19.12
CA ILE A 314 25.97 2.50 19.73
C ILE A 314 25.64 1.21 20.33
N GLN A 315 26.00 0.13 19.63
CA GLN A 315 25.62 -1.20 20.05
C GLN A 315 26.30 -1.60 21.33
N ARG A 316 27.61 -1.44 21.30
CA ARG A 316 28.41 -1.84 22.42
C ARG A 316 28.02 -1.03 23.62
N ARG A 317 27.78 0.27 23.46
CA ARG A 317 27.49 1.00 24.65
C ARG A 317 26.03 0.84 25.08
N TYR A 318 25.12 0.52 24.20
CA TYR A 318 23.74 0.44 24.64
C TYR A 318 23.12 -0.94 24.50
N GLY A 319 23.83 -1.86 23.88
CA GLY A 319 23.31 -3.20 23.74
C GLY A 319 22.15 -3.29 22.80
N LYS A 320 21.95 -2.28 21.99
CA LYS A 320 20.90 -2.29 21.01
C LYS A 320 21.48 -1.70 19.73
N PRO A 321 20.87 -1.99 18.61
CA PRO A 321 21.31 -1.51 17.32
C PRO A 321 20.78 -0.19 16.93
N PHE A 322 21.58 0.50 16.14
CA PHE A 322 21.24 1.83 15.75
C PHE A 322 19.78 1.85 15.47
N GLY A 323 19.36 0.87 14.70
CA GLY A 323 17.98 0.85 14.24
C GLY A 323 16.93 0.68 15.29
N ASP A 324 17.34 0.48 16.53
CA ASP A 324 16.38 0.29 17.55
C ASP A 324 16.41 1.26 18.69
N ILE A 325 17.22 2.34 18.60
CA ILE A 325 17.23 3.33 19.65
C ILE A 325 16.50 4.53 19.16
N ALA A 326 16.17 5.39 20.08
CA ALA A 326 15.46 6.59 19.73
C ALA A 326 16.47 7.71 19.67
N ILE A 327 16.82 8.08 18.47
CA ILE A 327 17.77 9.14 18.23
C ILE A 327 17.29 10.45 18.74
N SER A 328 16.16 10.95 18.26
CA SER A 328 15.70 12.24 18.77
C SER A 328 15.85 12.21 20.27
N GLU A 329 15.30 11.24 20.94
CA GLU A 329 15.32 11.24 22.40
C GLU A 329 16.68 11.12 23.00
N ARG A 330 17.68 10.67 22.29
CA ARG A 330 18.98 10.57 22.91
C ARG A 330 20.06 11.30 22.15
N TYR A 331 19.67 12.29 21.37
CA TYR A 331 20.64 12.98 20.56
C TYR A 331 21.77 13.50 21.49
N ASP A 332 21.40 14.42 22.39
CA ASP A 332 22.34 15.09 23.31
C ASP A 332 23.10 14.02 24.09
N GLU A 333 22.36 13.12 24.70
CA GLU A 333 23.01 12.07 25.42
C GLU A 333 24.13 11.59 24.53
N LEU A 334 23.77 11.22 23.31
CA LEU A 334 24.75 10.61 22.45
C LEU A 334 25.84 11.57 22.14
N ILE A 335 25.51 12.83 21.96
CA ILE A 335 26.56 13.72 21.58
C ILE A 335 27.55 13.76 22.71
N ALA A 336 27.07 13.59 23.92
CA ALA A 336 27.94 13.64 25.06
C ALA A 336 28.68 12.36 25.31
N ASP A 337 28.16 11.20 24.92
CA ASP A 337 28.89 9.97 25.22
C ASP A 337 30.10 9.82 24.35
N PRO A 338 31.27 9.94 24.95
CA PRO A 338 32.54 9.93 24.21
C PRO A 338 32.90 8.54 23.77
N HIS A 339 32.14 7.59 24.24
CA HIS A 339 32.31 6.23 23.83
C HIS A 339 31.58 5.95 22.52
N VAL A 340 30.93 6.98 22.00
CA VAL A 340 30.19 6.92 20.78
C VAL A 340 30.81 7.88 19.82
N ARG A 341 31.33 7.38 18.74
CA ARG A 341 31.96 8.24 17.80
C ARG A 341 30.92 9.05 17.06
N LYS A 342 31.23 10.31 16.73
CA LYS A 342 30.34 11.24 16.05
C LYS A 342 30.95 11.85 14.81
N THR A 343 30.15 12.11 13.80
CA THR A 343 30.67 12.74 12.64
C THR A 343 29.69 13.80 12.38
N TYR A 344 30.04 14.82 11.61
CA TYR A 344 29.13 15.93 11.43
C TYR A 344 29.05 16.35 10.01
N ILE A 345 27.83 16.69 9.57
CA ILE A 345 27.60 17.27 8.25
C ILE A 345 26.55 18.31 8.49
N ASN A 346 26.32 19.17 7.51
CA ASN A 346 25.45 20.32 7.70
C ASN A 346 24.01 19.98 7.37
N ALA A 347 23.15 20.05 8.36
CA ALA A 347 21.80 19.64 8.18
C ALA A 347 21.16 20.29 6.97
N ARG A 348 21.42 21.59 6.79
CA ARG A 348 20.74 22.30 5.72
C ARG A 348 21.16 21.77 4.40
N ASP A 349 22.43 21.47 4.28
CA ASP A 349 22.89 20.92 3.03
C ASP A 349 22.30 19.55 2.76
N PHE A 350 21.96 18.85 3.84
CA PHE A 350 21.42 17.50 3.78
C PHE A 350 20.15 17.52 2.98
N PHE A 351 19.22 18.34 3.45
CA PHE A 351 17.92 18.42 2.86
C PHE A 351 18.08 18.93 1.46
N GLN A 352 19.17 19.63 1.22
CA GLN A 352 19.46 20.16 -0.08
C GLN A 352 19.80 19.01 -0.97
N THR A 353 20.72 18.19 -0.53
CA THR A 353 21.05 17.04 -1.33
C THR A 353 19.82 16.20 -1.51
N LEU A 354 19.03 16.09 -0.46
CA LEU A 354 17.83 15.29 -0.53
C LEU A 354 16.91 15.67 -1.67
N ALA A 355 16.69 16.96 -1.83
CA ALA A 355 15.82 17.42 -2.88
C ALA A 355 16.45 17.36 -4.27
N GLU A 356 17.75 17.47 -4.30
CA GLU A 356 18.39 17.52 -5.58
C GLU A 356 18.25 16.19 -6.21
N ILE A 357 18.34 15.18 -5.36
CA ILE A 357 18.27 13.80 -5.82
C ILE A 357 16.85 13.55 -6.18
N GLN A 358 15.96 13.90 -5.26
CA GLN A 358 14.55 13.71 -5.48
C GLN A 358 14.18 14.30 -6.78
N PHE A 359 14.61 15.53 -7.01
CA PHE A 359 14.36 16.24 -8.25
C PHE A 359 14.87 15.41 -9.41
N GLU A 360 16.10 14.95 -9.33
CA GLU A 360 16.56 14.18 -10.47
C GLU A 360 15.80 12.87 -10.61
N SER A 361 15.40 12.21 -9.55
CA SER A 361 14.96 10.81 -9.71
C SER A 361 13.79 10.26 -8.86
N GLY A 362 13.02 11.13 -8.24
CA GLY A 362 11.84 10.68 -7.53
C GLY A 362 12.10 10.38 -6.09
N TYR A 363 13.16 9.65 -5.85
CA TYR A 363 13.60 9.18 -4.54
C TYR A 363 14.45 10.18 -3.93
N PRO A 364 14.72 10.04 -2.67
CA PRO A 364 14.22 8.96 -1.82
C PRO A 364 12.94 9.16 -1.12
N TYR A 365 12.37 8.08 -0.61
CA TYR A 365 11.13 8.20 0.13
C TYR A 365 11.58 8.70 1.44
N ILE A 366 10.63 9.12 2.24
CA ILE A 366 10.95 9.67 3.51
C ILE A 366 9.93 9.21 4.52
N MET A 367 10.44 8.77 5.65
CA MET A 367 9.64 8.30 6.76
C MET A 367 9.92 9.18 7.98
N PHE A 368 8.94 9.99 8.33
CA PHE A 368 9.03 10.80 9.51
C PHE A 368 8.99 10.00 10.80
N GLU A 369 10.06 9.30 11.05
CA GLU A 369 10.24 8.51 12.27
C GLU A 369 9.55 8.98 13.54
N ASP A 370 9.71 10.24 13.95
CA ASP A 370 9.08 10.61 15.24
C ASP A 370 7.57 10.70 15.14
N THR A 371 7.06 11.24 14.07
CA THR A 371 5.64 11.30 13.92
C THR A 371 5.07 9.90 14.02
N VAL A 372 5.76 8.98 13.34
CA VAL A 372 5.29 7.64 13.25
C VAL A 372 5.29 6.99 14.58
N ASN A 373 6.41 7.02 15.26
CA ASN A 373 6.46 6.27 16.49
C ASN A 373 5.52 6.85 17.54
N ARG A 374 5.23 8.13 17.38
CA ARG A 374 4.41 8.81 18.34
C ARG A 374 3.01 8.41 18.10
N ALA A 375 2.68 8.14 16.85
CA ALA A 375 1.32 7.72 16.53
C ALA A 375 1.19 6.22 16.70
N ASN A 376 2.28 5.51 16.86
CA ASN A 376 2.20 4.09 16.92
C ASN A 376 1.57 3.48 18.13
N PRO A 377 0.44 2.87 17.94
CA PRO A 377 -0.28 2.21 19.04
C PRO A 377 0.35 0.95 19.53
N ILE A 378 1.40 0.48 18.87
CA ILE A 378 1.97 -0.81 19.19
C ILE A 378 3.35 -0.82 19.84
N ALA A 379 3.52 -1.63 20.89
CA ALA A 379 4.77 -1.69 21.62
C ALA A 379 5.88 -1.90 20.62
N GLY A 380 6.96 -1.15 20.78
CA GLY A 380 8.07 -1.27 19.87
C GLY A 380 8.29 -0.02 19.07
N ARG A 381 9.31 0.03 18.26
CA ARG A 381 9.53 1.21 17.46
C ARG A 381 9.44 0.86 15.97
N ILE A 382 9.36 1.86 15.12
CA ILE A 382 9.25 1.60 13.74
C ILE A 382 10.38 2.25 13.02
N ASN A 383 11.18 1.42 12.38
CA ASN A 383 12.40 1.90 11.83
C ASN A 383 12.57 1.80 10.33
N MET A 384 11.56 1.41 9.59
CA MET A 384 11.72 1.25 8.17
C MET A 384 10.42 1.25 7.43
N SER A 385 10.44 1.19 6.12
CA SER A 385 9.16 1.05 5.48
C SER A 385 9.27 0.32 4.19
N ASN A 386 8.14 0.24 3.53
CA ASN A 386 8.02 -0.57 2.34
C ASN A 386 8.35 0.16 1.09
N LEU A 387 8.28 -0.55 0.01
CA LEU A 387 8.74 -0.05 -1.22
C LEU A 387 7.82 1.03 -1.72
N CYS A 388 6.65 1.17 -1.09
CA CYS A 388 5.67 2.21 -1.46
C CYS A 388 5.41 3.16 -0.28
N SER A 389 6.25 3.06 0.73
CA SER A 389 6.25 3.91 1.91
C SER A 389 4.96 3.99 2.68
N GLU A 390 4.04 3.09 2.44
CA GLU A 390 2.77 3.10 3.18
C GLU A 390 2.74 2.18 4.44
N ILE A 391 3.47 1.06 4.41
CA ILE A 391 3.48 0.16 5.56
C ILE A 391 4.35 0.65 6.68
N LEU A 392 3.89 0.59 7.91
CA LEU A 392 4.69 0.99 9.09
C LEU A 392 4.30 0.03 10.22
N GLN A 393 5.19 -0.82 10.70
CA GLN A 393 4.85 -1.75 11.75
C GLN A 393 6.11 -2.08 12.50
N VAL A 394 6.06 -2.52 13.75
CA VAL A 394 7.26 -2.98 14.45
C VAL A 394 7.87 -4.23 13.84
N ASN A 395 9.12 -4.53 14.14
CA ASN A 395 9.75 -5.74 13.63
C ASN A 395 10.77 -6.19 14.65
N SER A 396 11.49 -7.28 14.41
CA SER A 396 12.42 -7.66 15.44
C SER A 396 13.54 -8.58 14.96
N ALA A 397 14.72 -8.49 15.56
CA ALA A 397 15.85 -9.26 15.08
C ALA A 397 15.73 -10.75 15.15
N SER A 398 16.43 -11.38 14.21
CA SER A 398 16.55 -12.82 14.08
C SER A 398 17.99 -13.16 14.28
N ARG A 399 18.24 -14.27 14.91
CA ARG A 399 19.58 -14.66 15.21
C ARG A 399 19.90 -15.96 14.52
N TYR A 400 21.11 -16.06 14.01
CA TYR A 400 21.40 -17.24 13.28
C TYR A 400 22.52 -18.02 13.82
N ASP A 401 22.61 -19.19 13.22
CA ASP A 401 23.62 -20.12 13.55
C ASP A 401 24.66 -19.98 12.48
N ASP A 402 25.87 -20.38 12.77
CA ASP A 402 26.90 -20.28 11.76
C ASP A 402 26.48 -20.96 10.47
N ASN A 403 25.59 -21.91 10.49
CA ASN A 403 25.24 -22.49 9.20
C ASN A 403 24.00 -21.84 8.56
N LEU A 404 23.57 -20.71 9.14
CA LEU A 404 22.50 -19.89 8.61
C LEU A 404 21.18 -20.27 9.14
N ASP A 405 21.25 -21.27 9.93
CA ASP A 405 20.07 -21.83 10.52
C ASP A 405 19.59 -20.84 11.52
N TYR A 406 18.31 -20.61 11.58
CA TYR A 406 17.84 -19.65 12.58
C TYR A 406 17.96 -20.27 13.99
N THR A 407 18.62 -19.57 14.90
CA THR A 407 18.56 -19.99 16.27
C THR A 407 17.46 -19.16 16.99
N HIS A 408 17.23 -17.94 16.59
CA HIS A 408 16.14 -17.21 17.10
C HIS A 408 15.39 -16.59 15.92
N ILE A 409 14.12 -16.94 15.73
CA ILE A 409 13.38 -16.41 14.57
C ILE A 409 12.68 -15.18 14.98
N GLY A 410 13.05 -14.05 14.44
CA GLY A 410 12.49 -12.78 14.87
C GLY A 410 11.19 -12.58 14.16
N HIS A 411 10.83 -11.30 13.97
CA HIS A 411 9.61 -10.92 13.29
C HIS A 411 9.80 -9.85 12.25
N ASP A 412 9.53 -10.20 11.00
CA ASP A 412 9.61 -9.25 9.90
C ASP A 412 8.22 -9.01 9.29
N ILE A 413 8.08 -8.14 8.31
CA ILE A 413 6.77 -7.66 7.89
C ILE A 413 6.43 -7.92 6.45
N SER A 414 5.15 -8.18 6.23
CA SER A 414 4.67 -8.46 4.89
C SER A 414 3.33 -7.81 4.75
N CYS A 415 2.87 -7.55 3.54
CA CYS A 415 1.68 -6.71 3.36
C CYS A 415 0.41 -7.39 2.78
N ASN A 416 -0.68 -7.22 3.46
CA ASN A 416 -1.89 -7.82 3.01
C ASN A 416 -2.85 -6.69 2.60
N LEU A 417 -2.99 -6.47 1.32
CA LEU A 417 -3.70 -5.29 1.00
C LEU A 417 -4.92 -5.46 0.20
N GLY A 418 -5.85 -4.54 0.44
CA GLY A 418 -7.01 -4.35 -0.40
C GLY A 418 -7.60 -2.98 -0.19
N SER A 419 -8.39 -2.51 -1.15
CA SER A 419 -9.07 -1.26 -0.96
C SER A 419 -10.55 -1.18 -1.28
N LEU A 420 -11.20 -0.26 -0.56
CA LEU A 420 -12.61 0.14 -0.73
C LEU A 420 -12.56 1.28 -1.72
N ASN A 421 -13.63 1.49 -2.47
CA ASN A 421 -13.79 2.58 -3.41
C ASN A 421 -14.83 3.43 -2.71
N ILE A 422 -14.33 4.47 -2.11
CA ILE A 422 -15.14 5.36 -1.35
C ILE A 422 -16.47 5.63 -2.01
N ALA A 423 -16.56 5.87 -3.28
CA ALA A 423 -17.85 6.26 -3.73
C ALA A 423 -18.81 5.12 -3.45
N HIS A 424 -18.58 4.01 -4.09
CA HIS A 424 -19.40 2.89 -3.84
C HIS A 424 -19.58 2.64 -2.37
N VAL A 425 -18.60 2.79 -1.52
CA VAL A 425 -18.93 2.59 -0.13
C VAL A 425 -20.04 3.53 0.29
N MET A 426 -19.81 4.81 0.09
CA MET A 426 -20.81 5.77 0.53
C MET A 426 -22.15 5.45 -0.10
N ASP A 427 -22.18 4.87 -1.29
CA ASP A 427 -23.44 4.63 -1.94
C ASP A 427 -24.15 3.47 -1.34
N SER A 428 -23.73 2.93 -0.22
CA SER A 428 -24.53 1.90 0.35
C SER A 428 -24.67 2.06 1.83
N PRO A 429 -25.86 2.16 2.39
CA PRO A 429 -25.97 2.47 3.83
C PRO A 429 -25.32 1.46 4.75
N ASP A 430 -25.22 0.15 4.40
CA ASP A 430 -24.58 -0.78 5.36
C ASP A 430 -23.04 -0.76 5.39
N ILE A 431 -22.52 0.38 5.75
CA ILE A 431 -21.12 0.59 5.69
C ILE A 431 -20.45 -0.36 6.65
N GLY A 432 -21.11 -0.76 7.71
CA GLY A 432 -20.44 -1.64 8.63
C GLY A 432 -20.23 -3.04 8.04
N ARG A 433 -21.11 -3.43 7.14
CA ARG A 433 -21.03 -4.76 6.56
C ARG A 433 -19.86 -4.66 5.64
N THR A 434 -19.92 -3.62 4.84
CA THR A 434 -18.89 -3.39 3.88
C THR A 434 -17.51 -3.38 4.44
N VAL A 435 -17.29 -2.80 5.58
CA VAL A 435 -15.93 -2.78 6.08
C VAL A 435 -15.58 -4.09 6.70
N GLU A 436 -16.55 -4.71 7.36
CA GLU A 436 -16.31 -6.00 8.04
C GLU A 436 -15.85 -7.09 7.10
N THR A 437 -16.40 -7.05 5.91
CA THR A 437 -16.07 -8.03 4.92
C THR A 437 -14.64 -7.94 4.43
N ALA A 438 -14.27 -6.76 3.97
CA ALA A 438 -12.92 -6.51 3.51
C ALA A 438 -11.94 -6.96 4.59
N ILE A 439 -12.18 -6.49 5.82
CA ILE A 439 -11.36 -6.89 6.93
C ILE A 439 -11.40 -8.39 7.05
N ARG A 440 -12.56 -9.00 6.82
CA ARG A 440 -12.59 -10.41 6.97
C ARG A 440 -11.75 -10.94 5.86
N GLY A 441 -11.84 -10.38 4.66
CA GLY A 441 -11.09 -10.97 3.57
C GLY A 441 -9.56 -10.78 3.65
N LEU A 442 -9.15 -9.62 4.11
CA LEU A 442 -7.74 -9.43 4.15
C LEU A 442 -7.23 -10.34 5.22
N THR A 443 -8.04 -10.51 6.26
CA THR A 443 -7.59 -11.36 7.37
C THR A 443 -7.35 -12.78 6.84
N ALA A 444 -8.15 -13.17 5.89
CA ALA A 444 -8.04 -14.47 5.35
C ALA A 444 -6.76 -14.54 4.62
N VAL A 445 -6.46 -13.46 3.96
CA VAL A 445 -5.27 -13.51 3.18
C VAL A 445 -4.17 -13.77 4.15
N SER A 446 -4.29 -13.19 5.32
CA SER A 446 -3.19 -13.37 6.22
C SER A 446 -3.14 -14.76 6.75
N ASP A 447 -4.29 -15.30 7.10
CA ASP A 447 -4.30 -16.61 7.65
C ASP A 447 -3.82 -17.60 6.66
N MET A 448 -4.06 -17.40 5.40
CA MET A 448 -3.65 -18.43 4.50
C MET A 448 -2.23 -18.29 4.11
N SER A 449 -1.58 -17.30 4.66
CA SER A 449 -0.26 -17.03 4.18
C SER A 449 0.78 -17.75 5.02
N HIS A 450 1.74 -18.41 4.37
CA HIS A 450 2.83 -19.13 5.02
C HIS A 450 4.12 -19.10 4.22
N ILE A 451 4.83 -17.98 4.24
CA ILE A 451 6.00 -17.76 3.41
C ILE A 451 7.16 -18.55 3.88
N ARG A 452 7.36 -19.74 3.41
CA ARG A 452 8.41 -20.57 3.97
C ARG A 452 9.84 -20.10 3.69
N SER A 453 10.07 -19.41 2.63
CA SER A 453 11.45 -19.17 2.38
C SER A 453 12.10 -18.22 3.34
N VAL A 454 11.35 -17.46 4.08
CA VAL A 454 11.90 -16.53 5.02
C VAL A 454 11.13 -16.66 6.34
N PRO A 455 11.55 -17.62 7.15
CA PRO A 455 10.98 -17.84 8.50
C PRO A 455 10.55 -16.61 9.25
N SER A 456 11.34 -15.55 9.29
CA SER A 456 10.95 -14.40 10.09
C SER A 456 9.74 -13.68 9.58
N ILE A 457 9.45 -13.87 8.31
CA ILE A 457 8.24 -13.32 7.70
C ILE A 457 7.06 -14.18 8.14
N ALA A 458 7.23 -15.47 8.05
CA ALA A 458 6.18 -16.33 8.43
C ALA A 458 5.85 -16.04 9.89
N ALA A 459 6.87 -15.97 10.68
CA ALA A 459 6.63 -15.74 12.05
C ALA A 459 5.79 -14.47 12.22
N GLY A 460 6.16 -13.46 11.49
CA GLY A 460 5.59 -12.17 11.77
C GLY A 460 4.13 -12.15 11.49
N ASN A 461 3.83 -12.71 10.35
CA ASN A 461 2.47 -12.74 9.91
C ASN A 461 1.68 -13.40 10.97
N ALA A 462 2.20 -14.54 11.39
CA ALA A 462 1.47 -15.44 12.27
C ALA A 462 1.22 -14.82 13.60
N ALA A 463 2.14 -13.98 14.02
CA ALA A 463 2.02 -13.38 15.32
C ALA A 463 1.10 -12.19 15.32
N SER A 464 0.94 -11.55 14.17
CA SER A 464 0.28 -10.26 14.14
C SER A 464 -1.03 -10.16 13.34
N HIS A 465 -1.19 -10.99 12.33
CA HIS A 465 -2.35 -10.91 11.46
C HIS A 465 -2.55 -9.49 11.06
N ALA A 466 -1.47 -8.77 10.85
CA ALA A 466 -1.63 -7.40 10.41
C ALA A 466 -2.22 -7.28 9.00
N ILE A 467 -3.13 -6.36 8.83
CA ILE A 467 -3.52 -6.17 7.49
C ILE A 467 -3.51 -4.73 7.20
N GLY A 468 -3.77 -4.40 5.93
CA GLY A 468 -3.85 -3.01 5.52
C GLY A 468 -4.96 -2.67 4.57
N LEU A 469 -6.06 -2.22 5.15
CA LEU A 469 -7.26 -1.95 4.36
C LEU A 469 -7.01 -0.56 3.85
N GLY A 470 -7.28 -0.21 2.60
CA GLY A 470 -6.94 1.08 2.08
C GLY A 470 -8.06 1.72 1.31
N GLN A 471 -7.91 2.97 0.85
CA GLN A 471 -9.02 3.63 0.15
C GLN A 471 -8.65 4.08 -1.22
N MET A 472 -9.64 4.31 -2.08
CA MET A 472 -9.40 4.86 -3.40
C MET A 472 -10.67 5.54 -3.88
N ASN A 473 -10.51 6.37 -4.92
CA ASN A 473 -11.58 7.10 -5.61
C ASN A 473 -12.16 8.37 -4.92
N LEU A 474 -11.51 8.81 -3.87
CA LEU A 474 -11.82 10.13 -3.28
C LEU A 474 -12.04 11.23 -4.29
N HIS A 475 -11.09 11.42 -5.15
CA HIS A 475 -11.26 12.50 -6.06
C HIS A 475 -12.44 12.15 -6.92
N GLY A 476 -12.59 10.87 -7.17
CA GLY A 476 -13.74 10.41 -7.87
C GLY A 476 -14.99 10.84 -7.15
N TYR A 477 -15.02 10.62 -5.86
CA TYR A 477 -16.25 10.86 -5.12
C TYR A 477 -16.60 12.31 -5.09
N LEU A 478 -15.69 13.09 -4.51
CA LEU A 478 -15.86 14.51 -4.36
C LEU A 478 -16.30 15.14 -5.68
N ALA A 479 -15.66 14.77 -6.78
CA ALA A 479 -16.12 15.37 -7.99
C ALA A 479 -17.60 15.14 -8.14
N ARG A 480 -17.97 13.88 -8.09
CA ARG A 480 -19.33 13.55 -8.35
C ARG A 480 -20.26 14.36 -7.47
N GLU A 481 -19.91 14.55 -6.23
CA GLU A 481 -20.74 15.33 -5.36
C GLU A 481 -20.37 16.79 -5.49
N GLY A 482 -19.75 17.18 -6.56
CA GLY A 482 -19.46 18.59 -6.72
C GLY A 482 -18.67 19.38 -5.66
N ILE A 483 -17.85 18.70 -4.88
CA ILE A 483 -16.90 19.30 -3.96
C ILE A 483 -15.49 19.36 -4.51
N ALA A 484 -14.82 20.50 -4.45
CA ALA A 484 -13.48 20.62 -5.05
C ALA A 484 -12.35 20.07 -4.18
N TYR A 485 -11.45 19.37 -4.84
CA TYR A 485 -10.43 18.71 -4.13
C TYR A 485 -9.71 19.72 -3.40
N GLY A 486 -9.47 19.46 -2.12
CA GLY A 486 -8.63 20.31 -1.35
C GLY A 486 -9.45 21.12 -0.42
N SER A 487 -10.59 21.59 -0.89
CA SER A 487 -11.49 22.43 -0.12
C SER A 487 -11.83 22.02 1.31
N PRO A 488 -12.31 22.98 2.06
CA PRO A 488 -12.74 22.65 3.38
C PRO A 488 -13.84 21.61 3.32
N GLU A 489 -14.65 21.60 2.28
CA GLU A 489 -15.68 20.56 2.21
C GLU A 489 -14.98 19.20 2.15
N ALA A 490 -14.08 19.14 1.20
CA ALA A 490 -13.25 17.99 1.00
C ALA A 490 -12.50 17.59 2.25
N LEU A 491 -11.74 18.48 2.84
CA LEU A 491 -11.05 18.08 4.05
C LEU A 491 -12.03 17.58 5.09
N ASP A 492 -13.16 18.22 5.19
CA ASP A 492 -14.04 17.83 6.24
C ASP A 492 -14.52 16.41 6.00
N PHE A 493 -14.82 16.13 4.75
CA PHE A 493 -15.31 14.81 4.43
C PHE A 493 -14.23 13.80 4.69
N THR A 494 -13.03 14.03 4.18
CA THR A 494 -12.06 12.99 4.36
C THR A 494 -11.77 12.72 5.78
N ASN A 495 -11.91 13.71 6.63
CA ASN A 495 -11.66 13.41 8.03
C ASN A 495 -12.68 12.48 8.66
N LEU A 496 -13.92 12.61 8.24
CA LEU A 496 -14.99 11.90 8.95
C LEU A 496 -15.18 10.55 8.33
N TYR A 497 -14.98 10.49 7.02
CA TYR A 497 -15.06 9.23 6.30
C TYR A 497 -14.06 8.27 6.99
N PHE A 498 -12.79 8.65 7.01
CA PHE A 498 -11.78 7.86 7.70
C PHE A 498 -12.10 7.60 9.18
N TYR A 499 -12.77 8.55 9.81
CA TYR A 499 -13.19 8.41 11.21
C TYR A 499 -14.17 7.27 11.28
N THR A 500 -15.11 7.28 10.35
CA THR A 500 -16.11 6.26 10.45
C THR A 500 -15.49 4.95 9.99
N ILE A 501 -14.62 4.94 9.00
CA ILE A 501 -14.04 3.66 8.61
C ILE A 501 -13.23 3.06 9.74
N THR A 502 -12.45 3.87 10.42
CA THR A 502 -11.74 3.33 11.54
C THR A 502 -12.67 2.67 12.53
N TRP A 503 -13.74 3.34 12.93
CA TRP A 503 -14.61 2.72 13.93
C TRP A 503 -15.02 1.31 13.53
N HIS A 504 -15.49 1.14 12.33
CA HIS A 504 -15.94 -0.18 11.99
C HIS A 504 -14.83 -1.22 11.85
N ALA A 505 -13.65 -0.83 11.44
CA ALA A 505 -12.64 -1.84 11.23
C ALA A 505 -12.16 -2.46 12.54
N VAL A 506 -12.23 -1.69 13.61
CA VAL A 506 -11.68 -2.07 14.91
C VAL A 506 -12.69 -2.73 15.67
N HIS A 507 -13.91 -2.39 15.30
CA HIS A 507 -15.03 -3.07 15.81
C HIS A 507 -14.89 -4.47 15.26
N THR A 508 -14.63 -4.58 13.95
CA THR A 508 -14.43 -5.87 13.28
C THR A 508 -13.27 -6.72 13.81
N SER A 509 -12.07 -6.17 13.87
CA SER A 509 -10.94 -6.88 14.45
C SER A 509 -11.27 -7.31 15.90
N MET A 510 -12.05 -6.52 16.61
CA MET A 510 -12.39 -6.88 17.98
C MET A 510 -13.22 -8.12 17.96
N ARG A 511 -14.17 -8.07 17.04
CA ARG A 511 -15.04 -9.17 16.89
C ARG A 511 -14.18 -10.37 16.62
N LEU A 512 -13.36 -10.33 15.60
CA LEU A 512 -12.58 -11.50 15.25
C LEU A 512 -11.88 -12.10 16.45
N ALA A 513 -11.29 -11.27 17.28
CA ALA A 513 -10.59 -11.85 18.40
C ALA A 513 -11.56 -12.69 19.22
N ARG A 514 -12.76 -12.20 19.35
CA ARG A 514 -13.75 -12.91 20.09
C ARG A 514 -14.09 -14.25 19.38
N GLU A 515 -14.61 -14.15 18.18
CA GLU A 515 -14.84 -15.34 17.45
C GLU A 515 -13.65 -16.25 17.60
N ARG A 516 -12.44 -15.83 17.27
CA ARG A 516 -11.31 -16.77 17.26
C ARG A 516 -10.73 -16.99 18.64
N GLY A 517 -11.08 -16.13 19.56
CA GLY A 517 -10.60 -16.34 20.88
C GLY A 517 -9.14 -16.19 20.97
N LYS A 518 -8.58 -15.30 20.18
CA LYS A 518 -7.20 -14.88 20.43
C LYS A 518 -6.98 -13.52 19.85
N THR A 519 -5.86 -12.94 20.22
CA THR A 519 -5.54 -11.61 19.77
C THR A 519 -4.14 -11.60 19.28
N PHE A 520 -3.73 -10.48 18.70
CA PHE A 520 -2.35 -10.42 18.26
C PHE A 520 -1.40 -10.45 19.40
N ALA A 521 -0.24 -11.01 19.11
CA ALA A 521 0.85 -11.03 20.03
C ALA A 521 1.24 -9.60 20.36
N GLY A 522 1.29 -9.37 21.65
CA GLY A 522 1.68 -8.09 22.16
C GLY A 522 0.49 -7.28 22.54
N PHE A 523 -0.68 -7.64 22.05
CA PHE A 523 -1.85 -6.83 22.35
C PHE A 523 -1.71 -6.15 23.71
N ALA A 524 -1.47 -6.97 24.71
CA ALA A 524 -1.32 -6.51 26.07
C ALA A 524 -0.43 -5.33 26.21
N GLN A 525 0.65 -5.26 25.46
CA GLN A 525 1.49 -4.11 25.67
C GLN A 525 1.00 -2.99 24.85
N SER A 526 -0.09 -3.18 24.13
CA SER A 526 -0.52 -2.12 23.23
C SER A 526 -1.33 -1.07 23.87
N ARG A 527 -1.56 -0.04 23.10
CA ARG A 527 -2.41 1.06 23.50
C ARG A 527 -3.89 0.72 23.42
N TYR A 528 -4.19 -0.32 22.67
CA TYR A 528 -5.52 -0.80 22.60
C TYR A 528 -5.79 -1.39 23.97
N ALA A 529 -4.82 -2.11 24.47
CA ALA A 529 -5.02 -2.76 25.74
C ALA A 529 -5.39 -1.74 26.85
N SER A 530 -4.77 -0.58 26.84
CA SER A 530 -4.96 0.31 27.93
C SER A 530 -6.02 1.34 27.64
N GLY A 531 -6.44 1.42 26.39
CA GLY A 531 -7.49 2.35 26.02
C GLY A 531 -6.92 3.65 25.61
N ASP A 532 -5.66 3.89 25.91
CA ASP A 532 -5.14 5.17 25.52
C ASP A 532 -5.39 5.32 24.04
N TYR A 533 -5.45 4.23 23.27
CA TYR A 533 -5.76 4.37 21.85
C TYR A 533 -6.99 5.16 21.55
N PHE A 534 -7.91 5.34 22.49
CA PHE A 534 -9.20 6.05 22.21
C PHE A 534 -9.33 7.52 22.66
N THR A 535 -8.49 7.93 23.62
CA THR A 535 -8.58 9.22 24.26
C THR A 535 -8.82 10.17 23.13
N GLN A 536 -8.27 9.87 21.98
CA GLN A 536 -8.49 10.77 20.87
C GLN A 536 -9.93 10.89 20.45
N TYR A 537 -10.67 9.81 20.56
CA TYR A 537 -11.97 9.79 19.96
C TYR A 537 -13.01 10.16 20.99
N LEU A 538 -12.58 10.26 22.21
CA LEU A 538 -13.49 10.60 23.25
C LEU A 538 -13.55 12.10 23.51
N GLN A 539 -12.90 12.90 22.69
CA GLN A 539 -12.98 14.34 22.83
C GLN A 539 -13.99 14.77 21.83
N ASP A 540 -13.59 15.74 21.06
CA ASP A 540 -14.48 16.10 20.01
C ASP A 540 -13.76 16.67 18.81
N ASP A 541 -14.07 16.15 17.69
CA ASP A 541 -13.74 16.86 16.51
C ASP A 541 -15.09 16.77 15.87
N TRP A 542 -15.21 15.47 15.65
CA TRP A 542 -16.22 14.62 15.02
C TRP A 542 -17.55 15.25 14.64
N GLN A 543 -17.76 16.50 14.90
CA GLN A 543 -18.97 17.02 14.38
C GLN A 543 -18.61 17.54 13.02
N PRO A 544 -19.41 17.24 12.02
CA PRO A 544 -19.19 17.80 10.68
C PRO A 544 -18.87 19.25 10.78
N LYS A 545 -17.71 19.65 10.33
CA LYS A 545 -17.45 21.05 10.32
C LYS A 545 -18.36 21.68 9.28
N THR A 546 -19.16 20.93 8.58
CA THR A 546 -19.78 21.51 7.38
C THR A 546 -21.15 20.99 7.02
N ALA A 547 -21.99 21.85 6.43
CA ALA A 547 -23.35 21.48 6.09
C ALA A 547 -23.34 20.43 5.01
N LYS A 548 -22.72 20.71 3.89
CA LYS A 548 -22.67 19.68 2.87
C LYS A 548 -22.15 18.33 3.36
N VAL A 549 -21.08 18.32 4.08
CA VAL A 549 -20.64 17.05 4.52
C VAL A 549 -21.70 16.39 5.38
N ARG A 550 -22.34 17.13 6.25
CA ARG A 550 -23.34 16.54 7.15
C ARG A 550 -24.40 15.92 6.29
N ALA A 551 -24.70 16.64 5.24
CA ALA A 551 -25.69 16.24 4.31
C ALA A 551 -25.34 14.93 3.67
N LEU A 552 -24.13 14.77 3.19
CA LEU A 552 -23.79 13.54 2.47
C LEU A 552 -23.98 12.33 3.38
N PHE A 553 -23.52 12.39 4.60
CA PHE A 553 -23.64 11.20 5.38
C PHE A 553 -25.09 10.84 5.62
N ALA A 554 -25.87 11.88 5.82
CA ALA A 554 -27.29 11.74 6.08
C ALA A 554 -27.95 11.13 4.89
N ARG A 555 -27.69 11.71 3.75
CA ARG A 555 -28.31 11.24 2.57
C ARG A 555 -27.92 9.79 2.40
N SER A 556 -26.73 9.44 2.80
CA SER A 556 -26.24 8.10 2.55
C SER A 556 -26.81 7.12 3.54
N GLY A 557 -27.37 7.62 4.61
CA GLY A 557 -27.94 6.75 5.59
C GLY A 557 -26.87 6.21 6.47
N ILE A 558 -25.74 6.89 6.57
CA ILE A 558 -24.65 6.39 7.40
C ILE A 558 -24.48 7.18 8.65
N THR A 559 -24.34 6.46 9.74
CA THR A 559 -24.16 7.11 11.01
C THR A 559 -22.71 7.29 11.32
N LEU A 560 -22.36 8.53 11.60
CA LEU A 560 -21.04 8.88 12.07
C LEU A 560 -20.89 8.40 13.51
N PRO A 561 -19.94 7.54 13.78
CA PRO A 561 -19.77 7.00 15.12
C PRO A 561 -19.90 8.03 16.20
N THR A 562 -20.52 7.68 17.32
CA THR A 562 -20.81 8.59 18.43
C THR A 562 -20.09 8.22 19.69
N ARG A 563 -19.86 9.18 20.56
CA ARG A 563 -19.06 8.96 21.77
C ARG A 563 -19.49 7.73 22.49
N GLU A 564 -20.77 7.44 22.42
CA GLU A 564 -21.24 6.32 23.20
C GLU A 564 -20.71 5.11 22.51
N MET A 565 -20.73 5.17 21.21
CA MET A 565 -20.19 4.08 20.44
C MET A 565 -18.71 3.83 20.71
N TRP A 566 -17.91 4.89 20.67
CA TRP A 566 -16.50 4.73 20.89
C TRP A 566 -16.30 4.18 22.27
N LEU A 567 -17.06 4.73 23.21
CA LEU A 567 -16.86 4.38 24.60
C LEU A 567 -17.18 2.95 24.82
N LYS A 568 -18.15 2.50 24.09
CA LYS A 568 -18.52 1.14 24.20
C LYS A 568 -17.44 0.24 23.54
N LEU A 569 -16.95 0.64 22.38
CA LEU A 569 -15.96 -0.16 21.66
C LEU A 569 -14.67 -0.27 22.42
N ARG A 570 -14.36 0.79 23.12
CA ARG A 570 -13.19 0.82 23.93
C ARG A 570 -13.31 -0.22 25.04
N ASP A 571 -14.51 -0.43 25.58
CA ASP A 571 -14.68 -1.45 26.62
C ASP A 571 -14.52 -2.84 26.08
N ASP A 572 -15.24 -3.06 24.99
CA ASP A 572 -15.17 -4.34 24.33
C ASP A 572 -13.69 -4.67 23.94
N VAL A 573 -12.92 -3.67 23.52
CA VAL A 573 -11.53 -3.92 23.12
C VAL A 573 -10.69 -4.23 24.32
N MET A 574 -10.81 -3.40 25.35
CA MET A 574 -10.01 -3.61 26.54
C MET A 574 -10.31 -4.99 27.02
N ARG A 575 -11.52 -5.46 26.83
CA ARG A 575 -11.86 -6.72 27.43
C ARG A 575 -11.59 -7.89 26.55
N TYR A 576 -11.99 -7.78 25.30
CA TYR A 576 -11.87 -8.91 24.43
C TYR A 576 -10.63 -8.91 23.53
N GLY A 577 -9.99 -7.74 23.35
CA GLY A 577 -8.90 -7.58 22.36
C GLY A 577 -9.27 -7.46 20.88
N ILE A 578 -8.28 -7.34 19.99
CA ILE A 578 -8.55 -7.37 18.54
C ILE A 578 -7.69 -8.40 17.87
N TYR A 579 -8.09 -8.86 16.72
CA TYR A 579 -7.32 -9.92 16.10
C TYR A 579 -6.08 -9.33 15.44
N ASN A 580 -6.26 -8.29 14.64
CA ASN A 580 -5.14 -7.78 13.91
C ASN A 580 -4.39 -6.67 14.62
N GLN A 581 -3.08 -6.80 14.67
CA GLN A 581 -2.21 -5.77 15.23
C GLN A 581 -2.20 -4.44 14.48
N ASN A 582 -2.64 -4.42 13.22
CA ASN A 582 -2.61 -3.22 12.38
C ASN A 582 -3.72 -3.36 11.37
N LEU A 583 -4.49 -2.30 11.07
CA LEU A 583 -5.64 -2.47 10.17
C LEU A 583 -5.60 -1.82 8.83
N GLN A 584 -5.35 -0.51 8.82
CA GLN A 584 -5.36 0.31 7.61
C GLN A 584 -4.03 0.68 7.03
N ALA A 585 -4.03 0.97 5.75
CA ALA A 585 -2.82 1.34 5.06
C ALA A 585 -3.31 1.78 3.72
N VAL A 586 -2.75 2.85 3.15
CA VAL A 586 -3.32 3.40 1.97
C VAL A 586 -2.31 3.51 0.95
N PRO A 587 -2.12 2.50 0.15
CA PRO A 587 -1.15 2.53 -0.95
C PRO A 587 -1.66 3.07 -2.25
N PRO A 588 -0.83 3.30 -3.25
CA PRO A 588 -1.35 3.86 -4.51
C PRO A 588 -2.09 2.73 -5.16
N THR A 589 -3.14 2.89 -5.93
CA THR A 589 -3.83 1.73 -6.46
C THR A 589 -3.45 1.66 -7.91
N GLY A 590 -2.43 0.90 -8.26
CA GLY A 590 -1.93 0.80 -9.61
C GLY A 590 -2.96 0.51 -10.65
N SER A 591 -2.87 -0.59 -11.39
CA SER A 591 -3.82 -0.80 -12.48
C SER A 591 -5.17 -1.35 -12.01
N ILE A 592 -5.26 -2.02 -10.84
CA ILE A 592 -6.57 -2.44 -10.38
C ILE A 592 -7.45 -1.21 -10.39
N SER A 593 -6.90 -0.06 -10.03
CA SER A 593 -7.76 1.07 -10.00
C SER A 593 -8.50 1.10 -11.33
N TYR A 594 -7.84 0.87 -12.45
CA TYR A 594 -8.57 0.97 -13.73
C TYR A 594 -9.69 -0.05 -13.83
N ILE A 595 -9.46 -1.21 -13.26
CA ILE A 595 -10.50 -2.17 -13.31
C ILE A 595 -11.63 -1.69 -12.43
N ASN A 596 -11.30 -1.31 -11.21
CA ASN A 596 -12.32 -0.84 -10.30
C ASN A 596 -13.03 0.46 -10.70
N HIS A 597 -12.46 1.18 -11.64
CA HIS A 597 -12.93 2.47 -12.07
C HIS A 597 -12.86 3.47 -10.99
N ALA A 598 -11.71 3.60 -10.39
CA ALA A 598 -11.47 4.59 -9.32
C ALA A 598 -10.21 5.43 -9.61
N THR A 599 -9.92 6.53 -8.84
CA THR A 599 -8.74 7.43 -9.01
C THR A 599 -7.48 6.97 -8.13
N SER A 600 -6.21 7.09 -8.60
CA SER A 600 -5.06 6.41 -7.88
C SER A 600 -5.20 6.16 -6.36
N SER A 601 -5.91 6.81 -5.49
CA SER A 601 -5.89 6.36 -4.06
C SER A 601 -6.81 7.24 -3.29
N ILE A 602 -6.31 8.47 -3.10
CA ILE A 602 -7.02 9.57 -2.49
C ILE A 602 -6.41 10.86 -2.93
N HIS A 603 -5.46 10.79 -3.82
CA HIS A 603 -4.98 12.03 -4.29
C HIS A 603 -5.83 12.34 -5.58
N PRO A 604 -5.51 13.44 -6.22
CA PRO A 604 -6.11 13.67 -7.54
C PRO A 604 -5.44 13.09 -8.75
N ILE A 605 -6.05 13.47 -9.85
CA ILE A 605 -5.91 12.83 -11.12
C ILE A 605 -4.85 13.19 -12.10
N VAL A 606 -3.69 12.62 -11.87
CA VAL A 606 -2.60 12.83 -12.75
C VAL A 606 -3.10 13.31 -14.09
N ALA A 607 -4.25 12.88 -14.56
CA ALA A 607 -4.82 13.56 -15.71
C ALA A 607 -6.31 13.42 -15.79
N LYS A 608 -6.87 14.22 -16.69
CA LYS A 608 -8.25 14.08 -17.02
C LYS A 608 -8.33 12.82 -17.85
N ILE A 609 -7.62 12.72 -18.95
CA ILE A 609 -7.69 11.52 -19.74
C ILE A 609 -6.29 10.98 -19.67
N GLU A 610 -6.09 10.06 -18.74
CA GLU A 610 -4.81 9.44 -18.51
C GLU A 610 -4.40 8.64 -19.70
N ILE A 611 -3.16 8.72 -20.09
CA ILE A 611 -2.72 7.94 -21.21
C ILE A 611 -1.73 6.94 -20.78
N ARG A 612 -1.82 5.72 -21.27
CA ARG A 612 -0.87 4.69 -20.89
C ARG A 612 -0.24 4.17 -22.13
N LYS A 613 1.00 3.80 -21.94
CA LYS A 613 1.79 3.39 -23.05
C LYS A 613 1.75 1.90 -22.97
N GLU A 614 0.66 1.34 -23.49
CA GLU A 614 0.35 -0.07 -23.41
C GLU A 614 -0.34 -0.39 -24.71
N GLY A 615 -0.25 -1.62 -25.18
CA GLY A 615 -1.05 -2.05 -26.30
C GLY A 615 -0.42 -2.05 -27.68
N LYS A 616 -1.15 -2.63 -28.63
CA LYS A 616 -0.72 -2.71 -30.02
C LYS A 616 -0.79 -1.36 -30.74
N THR A 617 -1.50 -0.35 -30.20
CA THR A 617 -1.51 0.99 -30.84
C THR A 617 -0.46 1.92 -30.25
N GLY A 618 0.07 1.54 -29.11
CA GLY A 618 1.07 2.35 -28.46
C GLY A 618 0.49 2.93 -27.20
N ARG A 619 -0.77 3.32 -27.26
CA ARG A 619 -1.33 3.85 -26.05
C ARG A 619 -2.77 3.58 -25.90
N VAL A 620 -3.26 3.83 -24.71
CA VAL A 620 -4.62 3.58 -24.35
C VAL A 620 -5.01 4.67 -23.40
N TYR A 621 -6.25 5.14 -23.50
CA TYR A 621 -6.70 6.30 -22.80
C TYR A 621 -7.72 6.00 -21.76
N TYR A 622 -7.69 6.66 -20.62
CA TYR A 622 -8.58 6.36 -19.51
C TYR A 622 -9.20 7.56 -18.80
N PRO A 623 -10.46 7.87 -19.06
CA PRO A 623 -11.15 9.02 -18.45
C PRO A 623 -11.57 8.76 -17.10
N ALA A 624 -11.63 9.78 -16.30
CA ALA A 624 -11.88 9.58 -14.89
C ALA A 624 -13.31 9.27 -14.60
N PRO A 625 -13.58 8.67 -13.49
CA PRO A 625 -14.93 8.34 -13.12
C PRO A 625 -15.78 9.53 -12.90
N PHE A 626 -17.05 9.36 -13.24
CA PHE A 626 -18.11 10.34 -13.15
C PHE A 626 -17.85 11.56 -13.90
N MET A 627 -16.90 11.57 -14.80
CA MET A 627 -16.56 12.85 -15.34
C MET A 627 -17.26 13.08 -16.65
N THR A 628 -17.84 14.25 -16.83
CA THR A 628 -18.43 14.59 -18.10
C THR A 628 -18.16 16.01 -18.49
N ASN A 629 -18.46 16.31 -19.73
CA ASN A 629 -18.30 17.64 -20.19
C ASN A 629 -19.04 18.61 -19.31
N GLU A 630 -19.97 18.19 -18.50
CA GLU A 630 -20.62 19.19 -17.69
C GLU A 630 -19.98 19.33 -16.32
N ASN A 631 -18.91 18.63 -16.02
CA ASN A 631 -18.29 18.83 -14.68
C ASN A 631 -16.75 18.84 -14.70
N LEU A 632 -16.17 19.09 -15.88
CA LEU A 632 -14.76 19.08 -16.04
C LEU A 632 -14.14 19.98 -15.01
N ASP A 633 -14.79 21.06 -14.71
CA ASP A 633 -14.10 21.96 -13.84
C ASP A 633 -13.92 21.34 -12.49
N MET A 634 -14.32 20.10 -12.27
CA MET A 634 -14.11 19.52 -10.93
C MET A 634 -13.00 18.55 -10.96
N TYR A 635 -12.43 18.41 -12.11
CA TYR A 635 -11.36 17.51 -12.33
C TYR A 635 -10.08 18.26 -12.66
N GLN A 636 -9.53 18.98 -11.71
CA GLN A 636 -8.29 19.70 -11.99
C GLN A 636 -7.18 18.79 -11.57
N ASP A 637 -6.15 18.73 -12.38
CA ASP A 637 -5.19 17.73 -12.13
C ASP A 637 -4.26 17.97 -10.94
N ALA A 638 -3.60 16.91 -10.48
CA ALA A 638 -2.72 17.03 -9.29
C ALA A 638 -1.65 18.21 -9.33
N TYR A 639 -1.07 18.35 -10.51
CA TYR A 639 -0.21 19.37 -10.76
C TYR A 639 -1.01 20.58 -10.36
N ASP A 640 -1.98 20.96 -11.16
CA ASP A 640 -2.87 22.07 -10.84
C ASP A 640 -3.29 22.16 -9.38
N ILE A 641 -3.57 21.08 -8.73
CA ILE A 641 -4.00 21.30 -7.37
C ILE A 641 -2.83 21.67 -6.53
N GLY A 642 -1.68 21.09 -6.81
CA GLY A 642 -0.54 21.27 -5.95
C GLY A 642 -0.58 20.78 -4.52
N PRO A 643 0.63 20.63 -4.02
CA PRO A 643 1.00 19.98 -2.80
C PRO A 643 0.25 20.26 -1.56
N GLU A 644 -0.04 21.52 -1.30
CA GLU A 644 -0.65 21.86 -0.04
C GLU A 644 -1.96 21.12 0.11
N LYS A 645 -2.79 21.26 -0.91
CA LYS A 645 -4.09 20.68 -0.87
C LYS A 645 -3.93 19.18 -0.73
N ILE A 646 -3.03 18.61 -1.51
CA ILE A 646 -2.77 17.19 -1.38
C ILE A 646 -2.33 16.91 0.05
N ILE A 647 -1.22 17.50 0.48
CA ILE A 647 -0.73 17.24 1.82
C ILE A 647 -1.83 17.41 2.82
N ASP A 648 -2.66 18.41 2.65
CA ASP A 648 -3.74 18.62 3.59
C ASP A 648 -4.74 17.49 3.60
N THR A 649 -5.19 17.02 2.45
CA THR A 649 -6.00 15.84 2.44
C THR A 649 -5.33 14.68 3.16
N TYR A 650 -4.08 14.34 2.85
CA TYR A 650 -3.50 13.20 3.56
C TYR A 650 -3.46 13.36 5.06
N ALA A 651 -3.42 14.58 5.57
CA ALA A 651 -3.31 14.71 6.99
C ALA A 651 -4.57 14.40 7.69
N GLU A 652 -5.64 14.86 7.08
CA GLU A 652 -6.93 14.54 7.60
C GLU A 652 -6.88 13.01 7.69
N ALA A 653 -6.56 12.33 6.62
CA ALA A 653 -6.49 10.89 6.70
C ALA A 653 -5.44 10.35 7.71
N THR A 654 -4.31 11.00 7.80
CA THR A 654 -3.24 10.45 8.65
C THR A 654 -3.61 10.42 10.09
N ARG A 655 -4.61 11.20 10.40
CA ARG A 655 -5.08 11.28 11.77
C ARG A 655 -5.54 9.90 12.28
N HIS A 656 -6.10 9.09 11.40
CA HIS A 656 -6.73 7.82 11.77
C HIS A 656 -6.08 6.52 11.32
N VAL A 657 -5.48 6.57 10.15
CA VAL A 657 -4.90 5.36 9.59
C VAL A 657 -3.73 4.89 10.41
N ASP A 658 -3.80 3.70 11.00
CA ASP A 658 -2.73 3.26 11.88
C ASP A 658 -1.43 2.96 11.19
N GLN A 659 -1.40 2.58 9.94
CA GLN A 659 -0.10 2.45 9.36
C GLN A 659 0.11 3.84 8.66
N GLY A 660 0.32 3.86 7.36
CA GLY A 660 0.56 5.11 6.68
C GLY A 660 -0.02 5.15 5.28
N LEU A 661 0.25 6.21 4.50
CA LEU A 661 -0.33 6.40 3.17
C LEU A 661 0.63 6.84 2.10
N SER A 662 0.68 6.25 0.94
CA SER A 662 1.65 6.71 0.00
C SER A 662 1.32 8.06 -0.49
N LEU A 663 2.23 9.01 -0.40
CA LEU A 663 1.97 10.37 -0.76
C LEU A 663 2.94 10.99 -1.76
N THR A 664 2.57 11.09 -3.02
CA THR A 664 3.32 11.82 -4.00
C THR A 664 2.92 13.28 -4.16
N LEU A 665 3.93 14.12 -4.36
CA LEU A 665 3.73 15.49 -4.65
C LEU A 665 4.07 15.61 -6.07
N PHE A 666 3.19 16.19 -6.86
CA PHE A 666 3.40 16.47 -8.26
C PHE A 666 3.74 17.95 -8.38
N PHE A 667 4.84 18.26 -9.08
CA PHE A 667 5.31 19.62 -9.31
C PHE A 667 5.52 19.96 -10.76
N PRO A 668 5.47 21.24 -11.04
CA PRO A 668 5.72 21.76 -12.38
C PRO A 668 7.19 21.66 -12.70
N ASP A 669 7.57 21.53 -13.96
CA ASP A 669 9.01 21.37 -14.25
C ASP A 669 9.84 22.62 -13.94
N THR A 670 9.22 23.70 -13.50
CA THR A 670 9.93 24.93 -13.14
C THR A 670 10.25 24.93 -11.65
N ALA A 671 9.78 23.93 -10.93
CA ALA A 671 9.94 23.94 -9.49
C ALA A 671 11.36 23.73 -9.15
N THR A 672 11.70 24.17 -7.94
CA THR A 672 13.05 24.22 -7.40
C THR A 672 13.14 23.40 -6.16
N THR A 673 14.37 23.07 -5.79
CA THR A 673 14.54 22.19 -4.64
C THR A 673 14.04 22.84 -3.38
N ARG A 674 13.99 24.15 -3.36
CA ARG A 674 13.57 24.81 -2.17
C ARG A 674 12.11 24.64 -2.07
N ASP A 675 11.49 24.60 -3.25
CA ASP A 675 10.05 24.45 -3.35
C ASP A 675 9.83 23.07 -2.72
N ILE A 676 10.58 22.12 -3.21
CA ILE A 676 10.41 20.79 -2.75
C ILE A 676 10.59 20.77 -1.24
N ASN A 677 11.59 21.45 -0.78
CA ASN A 677 11.87 21.41 0.61
C ASN A 677 10.83 22.10 1.47
N LYS A 678 10.19 23.14 0.90
CA LYS A 678 9.17 23.82 1.66
C LYS A 678 8.00 22.86 1.87
N ALA A 679 7.66 22.15 0.79
CA ALA A 679 6.60 21.14 0.85
C ALA A 679 6.90 20.09 1.90
N GLN A 680 8.10 19.50 1.84
CA GLN A 680 8.39 18.49 2.82
C GLN A 680 8.26 19.09 4.22
N ILE A 681 8.60 20.35 4.40
CA ILE A 681 8.49 20.88 5.75
C ILE A 681 7.07 21.01 6.19
N TYR A 682 6.26 21.39 5.25
CA TYR A 682 4.87 21.60 5.53
C TYR A 682 4.31 20.28 5.96
N ALA A 683 4.55 19.29 5.10
CA ALA A 683 4.14 17.94 5.37
C ALA A 683 4.53 17.58 6.75
N TRP A 684 5.81 17.70 6.99
CA TRP A 684 6.33 17.35 8.29
C TRP A 684 5.56 18.07 9.37
N ARG A 685 5.53 19.39 9.25
CA ARG A 685 4.80 20.14 10.24
C ARG A 685 3.38 19.69 10.35
N LYS A 686 2.84 19.09 9.30
CA LYS A 686 1.45 18.75 9.33
C LYS A 686 1.02 17.39 9.85
N GLY A 687 1.93 16.54 10.29
CA GLY A 687 1.54 15.23 10.79
C GLY A 687 1.77 14.07 9.84
N ILE A 688 1.95 14.38 8.57
CA ILE A 688 2.25 13.39 7.58
C ILE A 688 3.29 12.43 8.06
N LYS A 689 2.95 11.15 8.01
CA LYS A 689 3.86 10.09 8.44
C LYS A 689 4.95 9.79 7.42
N SER A 690 4.71 10.01 6.13
CA SER A 690 5.75 9.67 5.22
C SER A 690 5.55 10.23 3.90
N LEU A 691 6.58 10.24 3.05
CA LEU A 691 6.50 10.73 1.68
C LEU A 691 7.12 9.81 0.70
N TYR A 692 6.45 9.70 -0.43
CA TYR A 692 6.70 8.71 -1.46
C TYR A 692 7.55 9.35 -2.50
N TYR A 693 7.27 9.27 -3.79
CA TYR A 693 8.19 10.00 -4.67
C TYR A 693 7.74 11.40 -5.02
N ILE A 694 8.66 12.21 -5.52
CA ILE A 694 8.26 13.52 -6.00
C ILE A 694 8.31 13.51 -7.52
N ARG A 695 7.24 13.95 -8.13
CA ARG A 695 7.08 13.80 -9.53
C ARG A 695 7.16 15.11 -10.18
N LEU A 696 8.13 15.28 -11.03
CA LEU A 696 8.17 16.47 -11.83
C LEU A 696 7.40 16.12 -13.07
N ARG A 697 6.57 17.05 -13.49
CA ARG A 697 5.79 16.80 -14.65
C ARG A 697 6.71 16.62 -15.83
N GLN A 698 6.55 15.52 -16.55
CA GLN A 698 7.21 15.40 -17.83
C GLN A 698 6.22 14.73 -18.81
N LEU A 699 6.55 14.78 -20.11
CA LEU A 699 5.66 14.25 -21.16
C LEU A 699 5.58 12.71 -21.06
MG MG B . 30.04 -8.98 15.17
N1 DCP C . 32.31 -7.57 7.50
C2 DCP C . 32.94 -7.37 6.28
N3 DCP C . 33.99 -8.15 5.79
C4 DCP C . 34.41 -9.18 6.59
C5 DCP C . 33.85 -9.44 7.84
C6 DCP C . 32.77 -8.61 8.29
O2 DCP C . 32.62 -6.50 5.56
N4 DCP C . 35.35 -9.92 6.18
C1' DCP C . 31.23 -6.74 8.03
C2' DCP C . 29.79 -7.19 7.89
C3' DCP C . 29.03 -6.81 9.17
C4' DCP C . 30.12 -6.47 10.13
O4' DCP C . 31.37 -6.49 9.42
O3' DCP C . 28.20 -5.64 9.18
C5' DCP C . 30.08 -7.52 11.21
O5' DCP C . 30.33 -8.84 10.70
PA DCP C . 30.42 -9.97 11.83
O1A DCP C . 30.29 -11.36 11.20
O2A DCP C . 29.73 -9.62 13.14
O3A DCP C . 31.92 -9.70 12.29
PB DCP C . 32.47 -10.39 13.61
O1B DCP C . 31.36 -10.62 14.59
O2B DCP C . 33.51 -11.43 13.25
O3B DCP C . 33.42 -9.22 14.06
PG DCP C . 32.90 -8.27 15.21
O1G DCP C . 32.73 -9.25 16.33
O2G DCP C . 34.09 -7.42 15.03
O3G DCP C . 31.68 -7.51 14.85
#